data_3TBE
#
_entry.id   3TBE
#
_cell.length_a   122.410
_cell.length_b   70.650
_cell.length_c   194.440
_cell.angle_alpha   90.00
_cell.angle_beta   90.43
_cell.angle_gamma   90.00
#
_symmetry.space_group_name_H-M   'C 1 2 1'
#
loop_
_entity.id
_entity.type
_entity.pdbx_description
1 polymer 'Sortase family protein'
2 non-polymer '2-(TRIMETHYLAMMONIUM)ETHYL THIOL'
3 non-polymer 'SULFATE ION'
4 non-polymer 'CHLORIDE ION'
5 water water
#
_entity_poly.entity_id   1
_entity_poly.type   'polypeptide(L)'
_entity_poly.pdbx_seq_one_letter_code
;MRGSHHHHHHGSSHANINAFKEAVTKIDRVEINRRLELAYAYNASIAGAKTNGEYPALKDPYSAEQKQAGVVEYARMLEV
KEQIGHVIIPRINQDIPIYAGSAEENLQRGVGHLEGTSLPVGGESTHAVLTAHRGLPTAKLFTNLDKVTVGDRFYIEHIG
GKIAYQVDQIKVIAPDQLEDLYVIQGEDHVTLLTCTPYMINSHRLLVRGKRIPYVEKTVQKDSKTFRQQQ
;
_entity_poly.pdbx_strand_id   A,B,C,D,E,F
#
loop_
_chem_comp.id
_chem_comp.type
_chem_comp.name
_chem_comp.formula
CL non-polymer 'CHLORIDE ION' 'Cl -1'
ETM non-polymer '2-(TRIMETHYLAMMONIUM)ETHYL THIOL' 'C5 H14 N S 1'
SO4 non-polymer 'SULFATE ION' 'O4 S -2'
#
# COMPACT_ATOMS: atom_id res chain seq x y z
N HIS A 14 -16.11 52.67 -6.71
CA HIS A 14 -16.51 54.09 -6.50
C HIS A 14 -16.50 54.86 -7.80
N ALA A 15 -17.13 56.03 -7.78
CA ALA A 15 -17.01 57.02 -8.84
C ALA A 15 -15.64 57.70 -8.74
N ASN A 16 -15.16 57.82 -7.51
CA ASN A 16 -13.82 58.34 -7.21
C ASN A 16 -12.67 57.53 -7.83
N ILE A 17 -12.90 56.25 -8.12
CA ILE A 17 -11.83 55.40 -8.70
C ILE A 17 -11.86 55.20 -10.21
N ASN A 18 -12.98 55.53 -10.84
CA ASN A 18 -13.02 55.61 -12.29
C ASN A 18 -12.24 56.83 -12.74
N ALA A 19 -12.40 57.93 -11.99
CA ALA A 19 -11.65 59.16 -12.20
C ALA A 19 -10.14 58.95 -12.09
N PHE A 20 -9.74 58.02 -11.20
CA PHE A 20 -8.34 57.61 -11.06
C PHE A 20 -7.93 56.79 -12.27
N LYS A 21 -8.70 55.74 -12.58
CA LYS A 21 -8.39 54.86 -13.71
C LYS A 21 -8.24 55.67 -15.02
N GLU A 22 -9.22 56.55 -15.27
CA GLU A 22 -9.29 57.43 -16.44
C GLU A 22 -8.07 58.36 -16.57
N ALA A 23 -7.77 59.11 -15.50
CA ALA A 23 -6.65 60.04 -15.52
C ALA A 23 -5.29 59.37 -15.68
N VAL A 24 -5.18 58.11 -15.26
CA VAL A 24 -3.89 57.41 -15.38
C VAL A 24 -3.54 57.19 -16.84
N THR A 25 -4.54 56.83 -17.65
CA THR A 25 -4.31 56.50 -19.05
C THR A 25 -3.92 57.76 -19.84
N LYS A 26 -4.31 58.91 -19.31
CA LYS A 26 -3.93 60.18 -19.90
C LYS A 26 -2.52 60.65 -19.53
N ILE A 27 -1.69 59.78 -18.94
CA ILE A 27 -0.33 60.21 -18.53
C ILE A 27 0.80 59.52 -19.28
N ASP A 28 1.66 60.34 -19.89
CA ASP A 28 2.87 59.85 -20.55
C ASP A 28 3.60 58.86 -19.65
N ARG A 29 4.18 57.82 -20.25
CA ARG A 29 4.92 56.85 -19.44
C ARG A 29 6.19 57.42 -18.83
N VAL A 30 6.88 58.23 -19.63
CA VAL A 30 8.06 58.98 -19.17
C VAL A 30 7.76 59.66 -17.82
N GLU A 31 6.59 60.31 -17.75
CA GLU A 31 6.15 60.90 -16.50
C GLU A 31 5.86 59.82 -15.46
N ILE A 32 4.99 58.87 -15.81
CA ILE A 32 4.71 57.79 -14.87
C ILE A 32 6.01 57.21 -14.33
N ASN A 33 6.98 56.96 -15.19
CA ASN A 33 8.24 56.42 -14.70
C ASN A 33 8.90 57.30 -13.70
N ARG A 34 8.97 58.58 -14.03
CA ARG A 34 9.65 59.56 -13.18
C ARG A 34 8.99 59.52 -11.81
N ARG A 35 7.66 59.58 -11.80
CA ARG A 35 6.91 59.49 -10.55
C ARG A 35 7.20 58.20 -9.75
N LEU A 36 7.29 57.07 -10.44
CA LEU A 36 7.59 55.85 -9.76
C LEU A 36 9.01 55.88 -9.22
N GLU A 37 9.94 56.48 -9.97
CA GLU A 37 11.31 56.55 -9.50
C GLU A 37 11.35 57.28 -8.19
N LEU A 38 10.52 58.32 -8.04
CA LEU A 38 10.48 59.09 -6.80
C LEU A 38 9.99 58.21 -5.67
N ALA A 39 8.85 57.55 -5.90
CA ALA A 39 8.29 56.59 -4.96
C ALA A 39 9.34 55.54 -4.49
N TYR A 40 10.03 54.86 -5.40
CA TYR A 40 11.06 53.88 -5.00
C TYR A 40 12.15 54.50 -4.11
N ALA A 41 12.55 55.72 -4.48
CA ALA A 41 13.66 56.36 -3.82
C ALA A 41 13.25 56.71 -2.42
N TYR A 42 11.99 57.09 -2.28
CA TYR A 42 11.42 57.40 -0.98
C TYR A 42 11.40 56.10 -0.18
N ASN A 43 11.10 54.99 -0.85
CA ASN A 43 11.03 53.71 -0.18
C ASN A 43 12.34 53.17 0.38
N ALA A 44 13.49 53.69 -0.07
CA ALA A 44 14.68 53.57 0.75
C ALA A 44 14.56 54.48 2.02
N SER A 45 13.49 54.23 2.78
CA SER A 45 13.33 54.59 4.18
C SER A 45 13.41 53.25 4.91
N ILE A 46 13.90 52.25 4.18
CA ILE A 46 14.23 50.94 4.73
C ILE A 46 15.38 51.11 5.70
N ALA A 47 16.21 52.11 5.43
CA ALA A 47 17.51 52.23 6.07
C ALA A 47 17.50 53.21 7.24
N GLY A 48 16.38 53.30 7.96
CA GLY A 48 16.22 54.32 9.01
C GLY A 48 16.54 53.86 10.42
N PRO A 56 11.47 56.98 11.31
CA PRO A 56 11.60 57.00 12.78
C PRO A 56 10.25 57.18 13.51
N ALA A 57 9.81 56.12 14.19
CA ALA A 57 8.58 56.11 15.02
C ALA A 57 7.29 56.38 14.27
N LEU A 58 6.45 55.36 14.19
CA LEU A 58 5.15 55.52 13.55
C LEU A 58 4.19 56.01 14.61
N LYS A 59 3.15 56.71 14.17
CA LYS A 59 2.13 57.18 15.08
C LYS A 59 0.84 56.43 14.80
N ASP A 60 0.41 55.54 15.69
CA ASP A 60 -0.92 54.94 15.60
C ASP A 60 -1.96 55.98 15.12
N PRO A 61 -2.56 55.74 13.94
CA PRO A 61 -3.23 56.78 13.14
C PRO A 61 -4.50 57.31 13.78
N TYR A 62 -4.85 56.76 14.93
CA TYR A 62 -6.07 57.13 15.63
C TYR A 62 -5.69 57.70 17.01
N SER A 63 -5.66 59.03 17.14
CA SER A 63 -5.41 59.70 18.45
C SER A 63 -5.53 61.23 18.39
N VAL A 72 1.08 67.81 4.20
CA VAL A 72 2.03 66.68 4.25
C VAL A 72 2.80 66.41 2.90
N GLU A 73 2.05 66.22 1.81
CA GLU A 73 2.59 66.09 0.42
C GLU A 73 3.70 65.03 0.17
N TYR A 74 3.92 64.12 1.15
CA TYR A 74 4.97 63.10 1.09
C TYR A 74 4.81 62.15 -0.06
N ALA A 75 3.55 61.92 -0.45
CA ALA A 75 3.22 60.99 -1.50
C ALA A 75 2.72 61.69 -2.75
N ARG A 76 3.18 62.91 -3.02
CA ARG A 76 2.62 63.64 -4.14
C ARG A 76 2.87 62.96 -5.47
N MET A 77 4.05 62.38 -5.66
CA MET A 77 4.38 61.70 -6.94
C MET A 77 3.32 60.69 -7.37
N LEU A 78 2.66 60.08 -6.40
CA LEU A 78 1.74 59.00 -6.63
C LEU A 78 0.32 59.49 -6.76
N GLU A 79 0.13 60.76 -6.42
CA GLU A 79 -1.18 61.34 -6.29
C GLU A 79 -1.79 61.69 -7.65
N VAL A 80 -2.91 61.03 -7.95
CA VAL A 80 -3.67 61.29 -9.18
C VAL A 80 -5.15 61.41 -8.80
N LYS A 81 -5.77 62.55 -9.17
CA LYS A 81 -7.12 62.89 -8.76
C LYS A 81 -7.33 62.67 -7.26
N GLU A 82 -6.36 63.12 -6.47
CA GLU A 82 -6.44 63.08 -5.00
C GLU A 82 -6.09 61.73 -4.34
N GLN A 83 -5.76 60.71 -5.13
CA GLN A 83 -5.64 59.35 -4.63
C GLN A 83 -4.30 58.71 -5.03
N ILE A 84 -3.76 57.85 -4.17
CA ILE A 84 -2.47 57.20 -4.51
C ILE A 84 -2.65 55.84 -5.18
N GLY A 85 -3.86 55.29 -5.05
CA GLY A 85 -4.32 54.13 -5.81
C GLY A 85 -5.68 53.66 -5.30
N HIS A 86 -5.99 52.40 -5.56
CA HIS A 86 -7.10 51.76 -4.85
C HIS A 86 -6.65 50.37 -4.44
N VAL A 87 -7.30 49.79 -3.45
CA VAL A 87 -7.00 48.43 -2.97
C VAL A 87 -8.20 47.55 -3.25
N ILE A 88 -7.96 46.35 -3.77
CA ILE A 88 -9.08 45.47 -4.04
C ILE A 88 -9.00 44.24 -3.16
N ILE A 89 -10.02 44.02 -2.33
CA ILE A 89 -10.01 42.86 -1.47
C ILE A 89 -11.21 41.94 -1.78
N PRO A 90 -11.02 41.04 -2.76
CA PRO A 90 -12.11 40.16 -3.24
C PRO A 90 -12.90 39.44 -2.14
N ARG A 91 -12.25 38.77 -1.19
CA ARG A 91 -13.06 38.06 -0.18
C ARG A 91 -14.21 38.90 0.40
N ILE A 92 -14.02 40.21 0.53
CA ILE A 92 -14.99 41.06 1.20
C ILE A 92 -15.65 42.07 0.26
N ASN A 93 -15.42 41.91 -1.05
CA ASN A 93 -15.92 42.82 -2.07
C ASN A 93 -15.69 44.27 -1.73
N GLN A 94 -14.45 44.70 -1.77
CA GLN A 94 -14.17 46.11 -1.65
C GLN A 94 -13.21 46.49 -2.73
N ASP A 95 -13.44 47.67 -3.30
CA ASP A 95 -12.45 48.35 -4.07
C ASP A 95 -12.46 49.74 -3.49
N ILE A 96 -11.42 50.10 -2.75
CA ILE A 96 -11.42 51.33 -2.00
C ILE A 96 -10.25 52.21 -2.38
N PRO A 97 -10.49 53.51 -2.62
CA PRO A 97 -9.37 54.41 -2.93
C PRO A 97 -8.40 54.46 -1.77
N ILE A 98 -7.17 54.83 -2.06
CA ILE A 98 -6.19 55.06 -1.01
C ILE A 98 -5.76 56.52 -1.07
N TYR A 99 -5.77 57.15 0.10
CA TYR A 99 -5.29 58.50 0.26
C TYR A 99 -4.02 58.53 1.09
N ALA A 100 -3.14 59.47 0.81
CA ALA A 100 -2.00 59.67 1.65
C ALA A 100 -2.43 60.17 3.01
N GLY A 101 -1.58 59.95 4.02
CA GLY A 101 -1.84 60.36 5.40
C GLY A 101 -2.91 59.51 6.08
N SER A 102 -3.28 59.90 7.31
CA SER A 102 -4.34 59.23 8.07
C SER A 102 -5.38 60.26 8.54
N ALA A 103 -5.42 61.40 7.86
CA ALA A 103 -6.31 62.49 8.21
C ALA A 103 -7.76 62.02 8.15
N GLU A 104 -8.51 62.40 9.18
CA GLU A 104 -9.86 61.89 9.42
C GLU A 104 -10.77 62.20 8.25
N GLU A 105 -10.52 63.37 7.66
CA GLU A 105 -11.19 63.83 6.45
C GLU A 105 -11.20 62.75 5.38
N ASN A 106 -10.06 62.08 5.22
CA ASN A 106 -9.84 61.07 4.19
C ASN A 106 -10.24 59.70 4.67
N LEU A 107 -9.93 59.41 5.92
CA LEU A 107 -10.43 58.22 6.58
C LEU A 107 -11.98 58.15 6.61
N GLN A 108 -12.66 59.23 6.20
CA GLN A 108 -14.12 59.20 5.99
C GLN A 108 -14.52 58.74 4.59
N ARG A 109 -13.62 58.85 3.61
CA ARG A 109 -13.94 58.49 2.21
C ARG A 109 -13.13 57.33 1.60
N GLY A 110 -12.31 56.68 2.43
CA GLY A 110 -11.54 55.51 1.98
C GLY A 110 -10.43 55.04 2.89
N VAL A 111 -9.35 54.56 2.29
CA VAL A 111 -8.26 53.99 3.05
C VAL A 111 -7.14 55.03 3.15
N GLY A 112 -6.57 55.18 4.34
CA GLY A 112 -5.44 56.08 4.51
C GLY A 112 -4.13 55.30 4.54
N HIS A 113 -3.04 55.95 4.14
CA HIS A 113 -1.74 55.31 4.15
C HIS A 113 -0.92 55.80 5.32
N LEU A 114 -0.36 54.89 6.10
CA LEU A 114 0.32 55.27 7.35
C LEU A 114 1.69 55.90 7.10
N GLU A 115 1.76 57.21 7.26
CA GLU A 115 2.98 57.93 6.93
C GLU A 115 4.14 57.39 7.77
N GLY A 116 5.28 57.13 7.13
CA GLY A 116 6.39 56.47 7.82
C GLY A 116 6.61 55.04 7.31
N THR A 117 5.58 54.46 6.72
CA THR A 117 5.72 53.16 6.07
C THR A 117 5.92 53.33 4.55
N SER A 118 6.36 52.26 3.89
CA SER A 118 6.60 52.27 2.44
C SER A 118 5.38 52.67 1.66
N LEU A 119 5.60 53.33 0.53
CA LEU A 119 4.50 53.67 -0.36
C LEU A 119 4.02 52.40 -1.10
N PRO A 120 2.70 52.21 -1.25
CA PRO A 120 2.18 50.96 -1.74
C PRO A 120 2.52 50.65 -3.21
N VAL A 121 3.80 50.61 -3.54
CA VAL A 121 4.21 50.32 -4.89
C VAL A 121 5.16 49.13 -4.96
N GLY A 122 5.19 48.34 -3.88
CA GLY A 122 5.94 47.07 -3.86
C GLY A 122 7.44 47.27 -3.93
N GLY A 123 8.18 46.18 -3.91
CA GLY A 123 9.63 46.27 -3.95
C GLY A 123 10.27 45.48 -2.81
N GLU A 124 11.45 44.94 -3.06
CA GLU A 124 12.23 44.37 -1.97
C GLU A 124 12.40 45.39 -0.82
N SER A 125 12.32 44.90 0.41
CA SER A 125 12.39 45.72 1.60
C SER A 125 11.36 46.84 1.59
N THR A 126 10.09 46.50 1.35
CA THR A 126 9.00 47.47 1.54
C THR A 126 7.89 46.90 2.44
N HIS A 127 7.31 47.75 3.25
CA HIS A 127 6.13 47.37 4.05
C HIS A 127 5.16 48.57 4.14
N ALA A 128 4.16 48.60 3.25
CA ALA A 128 3.13 49.65 3.21
C ALA A 128 2.04 49.26 4.16
N VAL A 129 1.57 50.21 4.95
CA VAL A 129 0.52 49.91 5.91
C VAL A 129 -0.65 50.79 5.50
N LEU A 130 -1.81 50.16 5.33
CA LEU A 130 -3.01 50.84 4.87
C LEU A 130 -4.04 50.59 5.89
N THR A 131 -4.75 51.65 6.26
CA THR A 131 -5.60 51.63 7.42
C THR A 131 -6.95 52.22 7.06
N ALA A 132 -8.01 51.73 7.71
CA ALA A 132 -9.35 52.21 7.41
C ALA A 132 -10.30 51.87 8.53
N HIS A 133 -11.20 52.79 8.88
CA HIS A 133 -12.26 52.58 9.88
C HIS A 133 -13.11 51.31 9.67
N ARG A 134 -13.69 50.81 10.74
CA ARG A 134 -14.56 49.65 10.61
C ARG A 134 -16.02 50.10 10.59
N GLY A 135 -16.72 49.70 9.52
CA GLY A 135 -18.15 49.91 9.41
C GLY A 135 -18.72 51.31 9.50
N LEU A 136 -18.07 52.26 8.83
CA LEU A 136 -18.54 53.64 8.81
C LEU A 136 -19.87 53.69 8.06
N PRO A 137 -20.73 54.61 8.47
CA PRO A 137 -22.05 54.73 7.85
C PRO A 137 -21.95 55.07 6.36
N THR A 138 -21.03 55.96 6.00
CA THR A 138 -20.87 56.33 4.60
C THR A 138 -20.40 55.13 3.77
N ALA A 139 -19.47 54.36 4.31
CA ALA A 139 -18.97 53.18 3.62
C ALA A 139 -18.63 52.05 4.59
N LYS A 140 -18.74 50.81 4.12
CA LYS A 140 -18.41 49.65 4.95
C LYS A 140 -16.93 49.64 5.31
N LEU A 141 -16.10 50.00 4.34
CA LEU A 141 -14.68 50.05 4.52
C LEU A 141 -14.14 48.74 5.00
N PHE A 142 -13.28 48.74 6.00
CA PHE A 142 -12.65 47.50 6.44
C PHE A 142 -13.51 46.79 7.43
N THR A 143 -14.70 47.26 7.61
CA THR A 143 -15.64 46.67 8.58
C THR A 143 -15.56 45.11 8.60
N ASN A 144 -15.48 44.46 7.43
CA ASN A 144 -15.43 42.99 7.37
C ASN A 144 -14.05 42.30 7.29
N LEU A 145 -13.00 43.09 7.55
CA LEU A 145 -11.62 42.60 7.46
C LEU A 145 -11.33 41.36 8.33
N ASP A 146 -12.13 41.13 9.37
CA ASP A 146 -12.03 39.90 10.16
C ASP A 146 -12.30 38.60 9.31
N LYS A 147 -12.85 38.77 8.11
CA LYS A 147 -13.28 37.62 7.32
C LYS A 147 -12.27 37.27 6.24
N VAL A 148 -11.23 38.08 6.17
CA VAL A 148 -10.06 37.76 5.34
C VAL A 148 -9.24 36.69 6.07
N THR A 149 -8.77 35.71 5.31
CA THR A 149 -8.05 34.56 5.83
C THR A 149 -6.70 34.43 5.17
N VAL A 150 -5.74 33.95 5.94
CA VAL A 150 -4.43 33.68 5.39
C VAL A 150 -4.70 32.86 4.15
N GLY A 151 -4.22 33.35 3.01
CA GLY A 151 -4.29 32.64 1.73
C GLY A 151 -5.08 33.47 0.72
N ASP A 152 -6.07 34.24 1.21
CA ASP A 152 -6.82 35.16 0.39
C ASP A 152 -5.83 36.13 -0.18
N ARG A 153 -6.21 36.79 -1.26
CA ARG A 153 -5.33 37.80 -1.79
C ARG A 153 -6.03 39.11 -1.91
N PHE A 154 -5.24 40.18 -2.01
CA PHE A 154 -5.74 41.49 -2.29
C PHE A 154 -4.80 42.14 -3.30
N TYR A 155 -5.24 43.21 -3.95
CA TYR A 155 -4.46 43.84 -5.02
C TYR A 155 -4.39 45.34 -4.83
N ILE A 156 -3.27 45.93 -5.19
CA ILE A 156 -3.16 47.38 -5.17
C ILE A 156 -3.01 47.87 -6.59
N GLU A 157 -3.84 48.82 -6.99
CA GLU A 157 -3.66 49.50 -8.27
C GLU A 157 -3.16 50.91 -8.08
N HIS A 158 -2.03 51.20 -8.70
CA HIS A 158 -1.44 52.53 -8.65
C HIS A 158 -1.06 53.00 -10.08
N ILE A 159 -0.55 54.23 -10.20
CA ILE A 159 -0.23 54.83 -11.52
C ILE A 159 0.53 53.89 -12.42
N GLY A 160 1.35 53.05 -11.80
CA GLY A 160 2.28 52.21 -12.53
C GLY A 160 1.72 50.84 -12.82
N GLY A 161 0.51 50.55 -12.36
CA GLY A 161 -0.06 49.24 -12.63
C GLY A 161 -0.61 48.57 -11.39
N LYS A 162 -0.65 47.24 -11.45
CA LYS A 162 -1.35 46.49 -10.45
C LYS A 162 -0.39 45.49 -9.86
N ILE A 163 -0.41 45.30 -8.55
CA ILE A 163 0.50 44.39 -7.89
C ILE A 163 -0.32 43.56 -6.95
N ALA A 164 0.10 42.33 -6.70
CA ALA A 164 -0.73 41.41 -5.94
C ALA A 164 -0.08 40.97 -4.61
N TYR A 165 -0.90 40.76 -3.58
CA TYR A 165 -0.40 40.21 -2.29
C TYR A 165 -1.22 39.01 -1.85
N GLN A 166 -0.55 38.03 -1.27
CA GLN A 166 -1.26 36.89 -0.67
C GLN A 166 -1.13 37.01 0.82
N VAL A 167 -2.24 37.00 1.54
CA VAL A 167 -2.21 37.16 3.01
C VAL A 167 -1.38 36.06 3.71
N ASP A 168 -0.30 36.42 4.40
CA ASP A 168 0.48 35.41 5.10
C ASP A 168 0.42 35.45 6.62
N GLN A 169 -0.18 36.48 7.22
CA GLN A 169 -0.24 36.54 8.68
C GLN A 169 -1.38 37.47 9.17
N ILE A 170 -2.23 36.99 10.07
CA ILE A 170 -3.24 37.84 10.64
C ILE A 170 -2.90 37.90 12.11
N LYS A 171 -2.87 39.08 12.71
CA LYS A 171 -2.63 39.08 14.13
C LYS A 171 -3.20 40.26 14.88
N VAL A 172 -3.25 40.16 16.22
CA VAL A 172 -3.94 41.14 17.04
C VAL A 172 -3.00 41.76 18.04
N ILE A 173 -3.02 43.09 18.12
CA ILE A 173 -2.07 43.78 18.94
C ILE A 173 -2.73 44.94 19.70
N ALA A 174 -2.05 45.35 20.77
CA ALA A 174 -2.34 46.57 21.50
C ALA A 174 -2.00 47.80 20.65
N PRO A 175 -2.74 48.93 20.86
CA PRO A 175 -2.58 50.10 19.99
C PRO A 175 -1.21 50.77 20.07
N ASP A 176 -0.48 50.54 21.16
CA ASP A 176 0.84 51.17 21.30
C ASP A 176 2.00 50.28 20.82
N GLN A 177 1.68 49.12 20.25
CA GLN A 177 2.71 48.21 19.72
C GLN A 177 2.90 48.29 18.19
N LEU A 178 4.11 48.59 17.75
CA LEU A 178 4.30 48.83 16.33
C LEU A 178 5.40 48.00 15.67
N GLU A 179 5.99 47.07 16.42
CA GLU A 179 7.07 46.25 15.85
C GLU A 179 6.66 45.58 14.52
N ASP A 180 5.44 45.10 14.46
CA ASP A 180 4.98 44.41 13.25
C ASP A 180 4.85 45.28 12.01
N LEU A 181 4.84 46.59 12.19
CA LEU A 181 4.62 47.52 11.08
C LEU A 181 5.86 48.03 10.41
N TYR A 182 7.05 47.69 10.89
CA TYR A 182 8.27 48.22 10.32
C TYR A 182 8.66 47.44 9.08
N VAL A 183 9.60 47.95 8.28
CA VAL A 183 10.06 47.22 7.07
C VAL A 183 10.77 45.92 7.45
N ILE A 184 10.54 44.84 6.73
CA ILE A 184 11.29 43.62 6.97
C ILE A 184 12.21 43.46 5.78
N GLN A 185 13.51 43.61 6.02
CA GLN A 185 14.51 43.65 4.95
C GLN A 185 14.41 42.44 4.06
N GLY A 186 14.51 42.69 2.77
CA GLY A 186 14.48 41.60 1.82
C GLY A 186 13.10 41.01 1.59
N GLU A 187 12.07 41.64 2.17
CA GLU A 187 10.71 41.18 1.95
C GLU A 187 9.79 42.28 1.50
N ASP A 188 8.62 41.90 0.98
CA ASP A 188 7.70 42.82 0.35
C ASP A 188 6.28 42.59 0.84
N HIS A 189 5.89 43.35 1.89
CA HIS A 189 4.57 43.22 2.51
C HIS A 189 3.71 44.49 2.41
N VAL A 190 2.39 44.30 2.47
CA VAL A 190 1.45 45.37 2.74
C VAL A 190 0.57 44.85 3.90
N THR A 191 0.34 45.68 4.91
CA THR A 191 -0.54 45.31 6.00
C THR A 191 -1.80 46.16 5.92
N LEU A 192 -2.92 45.51 6.16
CA LEU A 192 -4.18 46.18 6.23
C LEU A 192 -4.54 46.29 7.71
N LEU A 193 -4.75 47.51 8.15
CA LEU A 193 -4.88 47.73 9.57
C LEU A 193 -6.24 48.31 9.92
N THR A 194 -6.91 47.71 10.89
CA THR A 194 -8.14 48.29 11.45
C THR A 194 -8.22 47.99 12.94
N CYS A 195 -9.29 48.45 13.58
CA CYS A 195 -9.51 48.21 15.02
C CYS A 195 -10.35 46.97 15.21
N THR A 196 -10.23 46.35 16.39
CA THR A 196 -10.89 45.07 16.77
C THR A 196 -10.88 44.89 18.27
N PRO A 197 -11.78 44.07 18.82
CA PRO A 197 -12.98 43.43 18.28
C PRO A 197 -13.89 44.45 17.65
N TYR A 198 -14.74 43.95 16.78
CA TYR A 198 -15.74 44.78 16.12
C TYR A 198 -16.51 45.56 17.19
N MET A 199 -16.78 46.84 16.93
CA MET A 199 -17.54 47.69 17.85
C MET A 199 -16.95 47.88 19.24
N ILE A 200 -15.78 47.31 19.48
CA ILE A 200 -15.10 47.53 20.75
C ILE A 200 -13.80 48.33 20.50
N ASN A 201 -13.00 47.90 19.52
CA ASN A 201 -11.85 48.67 19.08
C ASN A 201 -10.70 48.88 20.08
N SER A 202 -10.62 48.03 21.11
CA SER A 202 -9.54 48.08 22.12
C SER A 202 -8.15 47.74 21.59
N HIS A 203 -8.12 46.95 20.52
CA HIS A 203 -6.88 46.46 19.96
C HIS A 203 -6.91 46.71 18.47
N ARG A 204 -5.83 46.36 17.75
CA ARG A 204 -5.81 46.55 16.30
C ARG A 204 -5.62 45.21 15.63
N LEU A 205 -6.23 45.08 14.44
CA LEU A 205 -6.19 43.87 13.62
C LEU A 205 -5.26 44.03 12.43
N LEU A 206 -4.28 43.16 12.27
CA LEU A 206 -3.32 43.35 11.20
C LEU A 206 -3.37 42.21 10.20
N VAL A 207 -3.88 42.49 9.02
CA VAL A 207 -3.94 41.47 7.98
C VAL A 207 -2.79 41.77 7.01
N ARG A 208 -1.83 40.86 6.95
CA ARG A 208 -0.62 41.15 6.23
C ARG A 208 -0.52 40.21 5.07
N GLY A 209 -0.23 40.80 3.91
CA GLY A 209 0.00 40.05 2.72
C GLY A 209 1.47 40.08 2.37
N LYS A 210 1.89 39.04 1.66
CA LYS A 210 3.23 38.89 1.07
C LYS A 210 3.08 39.04 -0.45
N ARG A 211 3.96 39.78 -1.09
CA ARG A 211 3.92 39.97 -2.53
C ARG A 211 3.95 38.67 -3.28
N ILE A 212 3.19 38.56 -4.37
CA ILE A 212 3.27 37.42 -5.25
C ILE A 212 3.19 37.93 -6.64
N PRO A 213 3.45 37.08 -7.61
CA PRO A 213 3.35 37.48 -8.99
C PRO A 213 1.95 37.82 -9.40
N TYR A 214 1.77 38.85 -10.19
CA TYR A 214 0.44 39.19 -10.55
C TYR A 214 0.15 38.44 -11.79
N VAL A 215 -0.86 37.59 -11.72
CA VAL A 215 -1.24 36.78 -12.83
C VAL A 215 -2.63 37.14 -13.29
N GLU A 216 -2.76 37.48 -14.56
CA GLU A 216 -4.05 37.74 -15.12
C GLU A 216 -4.56 36.36 -14.83
N LYS A 217 -5.85 36.15 -14.80
CA LYS A 217 -6.36 34.88 -14.33
C LYS A 217 -6.60 35.12 -12.86
N THR A 218 -6.58 36.41 -12.55
CA THR A 218 -6.99 36.98 -11.30
C THR A 218 -8.44 36.62 -11.21
N VAL A 219 -8.92 36.07 -10.10
CA VAL A 219 -10.36 35.77 -10.08
C VAL A 219 -11.15 36.53 -9.06
N GLN A 220 -12.20 37.17 -9.54
CA GLN A 220 -13.06 38.01 -8.74
C GLN A 220 -14.45 37.45 -8.51
N LYS A 221 -14.90 36.60 -9.42
CA LYS A 221 -16.21 36.01 -9.25
C LYS A 221 -16.26 35.05 -8.08
N ASP A 222 -15.24 34.24 -7.92
CA ASP A 222 -15.26 33.32 -6.83
C ASP A 222 -16.03 33.96 -5.69
N ASN B 16 -7.97 7.10 25.02
CA ASN B 16 -9.19 7.81 25.52
C ASN B 16 -8.82 8.87 26.57
N ILE B 17 -9.67 9.90 26.67
CA ILE B 17 -9.47 11.03 27.60
C ILE B 17 -10.31 11.00 28.87
N ASN B 18 -11.28 10.08 28.93
CA ASN B 18 -11.97 9.82 30.20
C ASN B 18 -10.99 9.12 31.13
N ALA B 19 -10.23 8.18 30.56
CA ALA B 19 -9.20 7.45 31.29
C ALA B 19 -8.16 8.40 31.88
N PHE B 20 -7.89 9.50 31.16
CA PHE B 20 -6.99 10.55 31.65
C PHE B 20 -7.65 11.29 32.81
N LYS B 21 -8.85 11.84 32.57
CA LYS B 21 -9.56 12.60 33.58
C LYS B 21 -9.67 11.82 34.90
N GLU B 22 -10.07 10.55 34.79
CA GLU B 22 -10.28 9.67 35.96
C GLU B 22 -9.00 9.42 36.76
N ALA B 23 -7.94 8.98 36.08
CA ALA B 23 -6.67 8.66 36.74
C ALA B 23 -6.03 9.86 37.39
N VAL B 24 -6.41 11.05 36.95
CA VAL B 24 -5.89 12.28 37.54
C VAL B 24 -6.44 12.49 38.93
N THR B 25 -7.73 12.19 39.11
CA THR B 25 -8.38 12.42 40.40
C THR B 25 -7.84 11.47 41.46
N LYS B 26 -7.29 10.34 41.03
CA LYS B 26 -6.72 9.36 41.96
C LYS B 26 -5.30 9.68 42.40
N ILE B 27 -4.74 10.79 41.96
CA ILE B 27 -3.35 11.14 42.31
C ILE B 27 -3.27 12.20 43.41
N ASP B 28 -2.56 11.87 44.49
CA ASP B 28 -2.21 12.80 45.53
C ASP B 28 -1.72 14.15 44.94
N ARG B 29 -2.04 15.24 45.61
CA ARG B 29 -1.59 16.51 45.10
C ARG B 29 -0.09 16.68 45.29
N VAL B 30 0.42 16.32 46.45
CA VAL B 30 1.85 16.26 46.70
C VAL B 30 2.55 15.68 45.48
N GLU B 31 2.02 14.58 44.95
CA GLU B 31 2.64 14.00 43.77
C GLU B 31 2.42 14.92 42.56
N ILE B 32 1.16 15.27 42.28
CA ILE B 32 0.87 16.15 41.16
C ILE B 32 1.81 17.35 41.23
N ASN B 33 1.96 17.93 42.42
CA ASN B 33 2.89 19.03 42.59
C ASN B 33 4.32 18.74 42.18
N ARG B 34 4.83 17.60 42.65
CA ARG B 34 6.20 17.23 42.34
C ARG B 34 6.42 17.10 40.85
N ARG B 35 5.45 16.49 40.17
CA ARG B 35 5.48 16.35 38.71
C ARG B 35 5.43 17.73 37.99
N LEU B 36 4.51 18.60 38.41
CA LEU B 36 4.49 19.92 37.84
C LEU B 36 5.83 20.60 38.05
N GLU B 37 6.41 20.50 39.25
CA GLU B 37 7.68 21.17 39.47
C GLU B 37 8.72 20.67 38.48
N LEU B 38 8.61 19.40 38.09
CA LEU B 38 9.57 18.87 37.13
C LEU B 38 9.37 19.52 35.78
N ALA B 39 8.12 19.50 35.30
CA ALA B 39 7.72 20.20 34.09
C ALA B 39 8.18 21.68 34.05
N TYR B 40 7.90 22.48 35.09
CA TYR B 40 8.37 23.90 35.10
C TYR B 40 9.86 24.00 34.92
N ALA B 41 10.58 23.17 35.66
CA ALA B 41 12.04 23.17 35.65
C ALA B 41 12.58 22.87 34.26
N TYR B 42 11.95 21.89 33.61
CA TYR B 42 12.27 21.56 32.23
C TYR B 42 12.02 22.83 31.41
N ASN B 43 10.93 23.53 31.73
CA ASN B 43 10.55 24.71 30.96
C ASN B 43 11.53 25.87 31.02
N ALA B 44 12.41 25.92 32.01
CA ALA B 44 13.60 26.74 31.80
C ALA B 44 14.56 26.08 30.74
N SER B 45 14.00 25.81 29.56
CA SER B 45 14.74 25.64 28.28
C SER B 45 14.52 26.93 27.54
N ILE B 46 14.00 27.90 28.27
CA ILE B 46 13.81 29.24 27.81
C ILE B 46 15.08 30.00 28.10
N ALA B 47 16.20 29.29 28.13
CA ALA B 47 17.52 29.91 28.30
C ALA B 47 18.61 29.22 27.46
N GLY B 48 18.21 28.68 26.32
CA GLY B 48 19.11 27.85 25.50
C GLY B 48 19.57 28.50 24.22
N ALA B 49 20.71 28.03 23.69
CA ALA B 49 21.33 28.57 22.46
C ALA B 49 21.75 30.03 22.60
N LYS B 50 21.35 30.64 23.72
CA LYS B 50 21.44 32.08 23.95
C LYS B 50 21.46 32.38 25.46
N PRO B 56 17.89 23.63 21.55
CA PRO B 56 18.68 23.88 20.33
C PRO B 56 18.11 23.16 19.09
N ALA B 57 17.62 23.93 18.12
CA ALA B 57 17.17 23.45 16.80
C ALA B 57 15.99 22.48 16.84
N LEU B 58 14.85 22.96 16.37
CA LEU B 58 13.65 22.12 16.35
C LEU B 58 13.69 21.34 15.07
N LYS B 59 13.05 20.18 15.08
CA LYS B 59 12.96 19.36 13.88
C LYS B 59 11.51 19.33 13.42
N ASP B 60 11.20 20.04 12.33
CA ASP B 60 9.88 19.92 11.71
C ASP B 60 9.44 18.45 11.80
N PRO B 61 8.33 18.21 12.53
CA PRO B 61 7.94 16.89 13.00
C PRO B 61 7.53 15.91 11.89
N TYR B 62 7.58 16.38 10.65
CA TYR B 62 7.11 15.61 9.48
C TYR B 62 8.27 15.41 8.50
N GLU B 65 12.75 14.69 7.53
CA GLU B 65 12.52 13.29 7.89
C GLU B 65 11.74 13.18 9.20
N GLN B 66 10.46 12.82 9.11
CA GLN B 66 9.62 12.68 10.28
C GLN B 66 10.14 11.57 11.20
N LYS B 67 10.58 10.47 10.59
CA LYS B 67 11.10 9.34 11.35
C LYS B 67 9.97 8.57 12.04
N GLN B 68 9.20 9.28 12.87
CA GLN B 68 8.08 8.67 13.59
C GLN B 68 8.56 7.52 14.46
N ALA B 69 9.73 7.68 15.06
CA ALA B 69 10.30 6.65 15.92
C ALA B 69 10.80 7.24 17.23
N VAL B 71 9.83 5.66 23.13
CA VAL B 71 11.11 5.68 23.80
C VAL B 71 11.48 7.08 24.14
N VAL B 72 10.50 7.95 24.28
CA VAL B 72 10.82 9.30 24.62
C VAL B 72 10.28 9.48 25.98
N GLU B 73 11.15 9.89 26.88
CA GLU B 73 10.74 10.06 28.24
C GLU B 73 10.83 11.49 28.66
N TYR B 74 10.96 12.40 27.72
CA TYR B 74 11.15 13.78 28.05
C TYR B 74 10.05 14.39 28.86
N ALA B 75 8.81 13.99 28.61
CA ALA B 75 7.69 14.52 29.33
C ALA B 75 7.06 13.56 30.28
N ARG B 76 7.76 12.53 30.69
CA ARG B 76 7.17 11.62 31.61
C ARG B 76 6.43 12.28 32.72
N MET B 77 7.06 13.11 33.51
CA MET B 77 6.36 13.68 34.67
C MET B 77 4.89 13.98 34.41
N LEU B 78 4.56 14.34 33.17
CA LEU B 78 3.21 14.78 32.81
C LEU B 78 2.34 13.66 32.31
N GLU B 79 2.94 12.48 32.19
CA GLU B 79 2.33 11.37 31.50
C GLU B 79 1.41 10.62 32.45
N VAL B 80 0.16 10.51 32.05
CA VAL B 80 -0.84 9.79 32.79
C VAL B 80 -1.72 9.06 31.77
N LYS B 81 -1.80 7.73 31.93
CA LYS B 81 -2.44 6.86 30.94
C LYS B 81 -1.90 7.16 29.54
N GLU B 82 -0.55 7.36 29.53
CA GLU B 82 0.32 7.73 28.39
C GLU B 82 -0.12 8.98 27.55
N GLN B 83 -0.74 9.96 28.20
CA GLN B 83 -1.10 11.22 27.57
C GLN B 83 -0.59 12.34 28.45
N ILE B 84 -0.20 13.48 27.87
CA ILE B 84 0.28 14.57 28.71
C ILE B 84 -0.82 15.56 29.00
N GLY B 85 -1.95 15.41 28.30
CA GLY B 85 -3.17 16.19 28.59
C GLY B 85 -4.10 16.07 27.39
N HIS B 86 -5.15 16.89 27.35
CA HIS B 86 -5.95 17.04 26.13
C HIS B 86 -6.12 18.51 25.78
N VAL B 87 -6.39 18.82 24.51
CA VAL B 87 -6.61 20.19 24.07
C VAL B 87 -8.05 20.30 23.67
N ILE B 88 -8.68 21.43 23.95
CA ILE B 88 -10.06 21.58 23.55
C ILE B 88 -10.18 22.80 22.66
N ILE B 89 -10.68 22.63 21.45
CA ILE B 89 -10.77 23.77 20.55
C ILE B 89 -12.21 24.00 20.12
N PRO B 90 -12.98 24.72 20.96
CA PRO B 90 -14.43 24.81 20.76
C PRO B 90 -14.86 25.17 19.34
N ARG B 91 -14.34 26.26 18.75
CA ARG B 91 -14.72 26.60 17.36
C ARG B 91 -14.83 25.37 16.43
N ILE B 92 -13.95 24.38 16.57
CA ILE B 92 -13.99 23.23 15.66
C ILE B 92 -14.41 21.90 16.32
N ASN B 93 -14.95 22.00 17.54
CA ASN B 93 -15.40 20.84 18.32
C ASN B 93 -14.39 19.77 18.31
N GLN B 94 -13.33 19.97 19.06
CA GLN B 94 -12.37 18.91 19.21
C GLN B 94 -12.02 18.87 20.68
N ASP B 95 -11.76 17.67 21.15
CA ASP B 95 -11.13 17.50 22.42
C ASP B 95 -10.21 16.36 22.09
N ILE B 96 -8.92 16.62 22.04
CA ILE B 96 -7.92 15.66 21.52
C ILE B 96 -6.80 15.41 22.54
N PRO B 97 -6.51 14.13 22.80
CA PRO B 97 -5.39 13.86 23.73
C PRO B 97 -4.10 14.36 23.13
N ILE B 98 -3.16 14.69 24.01
CA ILE B 98 -1.82 15.09 23.59
C ILE B 98 -0.84 14.05 24.08
N TYR B 99 -0.01 13.56 23.14
CA TYR B 99 1.11 12.68 23.45
C TYR B 99 2.40 13.44 23.29
N ALA B 100 3.39 13.04 24.07
CA ALA B 100 4.74 13.54 23.90
C ALA B 100 5.31 13.04 22.57
N GLY B 101 6.35 13.69 22.06
CA GLY B 101 6.91 13.36 20.76
C GLY B 101 5.99 13.67 19.59
N SER B 102 6.46 13.32 18.39
CA SER B 102 5.72 13.55 17.15
C SER B 102 5.69 12.23 16.40
N ALA B 103 5.86 11.15 17.15
CA ALA B 103 5.95 9.81 16.56
C ALA B 103 4.64 9.45 15.87
N GLU B 104 4.77 8.88 14.68
CA GLU B 104 3.65 8.68 13.75
C GLU B 104 2.53 7.82 14.34
N GLU B 105 2.87 6.85 15.18
CA GLU B 105 1.83 5.97 15.77
C GLU B 105 0.92 6.76 16.70
N ASN B 106 1.51 7.79 17.34
CA ASN B 106 0.78 8.74 18.19
C ASN B 106 0.04 9.81 17.36
N LEU B 107 0.73 10.37 16.38
CA LEU B 107 0.09 11.29 15.44
C LEU B 107 -1.12 10.65 14.73
N GLN B 108 -1.34 9.36 15.00
CA GLN B 108 -2.47 8.64 14.42
C GLN B 108 -3.67 8.76 15.33
N ARG B 109 -3.38 8.81 16.63
CA ARG B 109 -4.42 8.78 17.66
C ARG B 109 -4.62 10.11 18.41
N GLY B 110 -3.96 11.19 17.96
CA GLY B 110 -4.17 12.51 18.53
C GLY B 110 -3.14 13.58 18.17
N VAL B 111 -2.85 14.43 19.14
CA VAL B 111 -1.97 15.55 18.93
C VAL B 111 -0.61 15.24 19.52
N GLY B 112 0.47 15.55 18.78
CA GLY B 112 1.83 15.33 19.26
C GLY B 112 2.51 16.62 19.68
N HIS B 113 3.47 16.52 20.60
CA HIS B 113 4.08 17.72 21.15
C HIS B 113 5.48 17.80 20.63
N LEU B 114 5.81 18.96 20.13
CA LEU B 114 7.06 19.13 19.44
C LEU B 114 8.21 19.26 20.45
N GLU B 115 8.97 18.17 20.56
CA GLU B 115 10.10 18.12 21.50
C GLU B 115 11.11 19.22 21.21
N GLY B 116 11.52 19.94 22.27
CA GLY B 116 12.31 21.15 22.12
C GLY B 116 11.51 22.39 22.45
N THR B 117 10.20 22.31 22.36
CA THR B 117 9.38 23.42 22.82
C THR B 117 8.84 23.18 24.24
N SER B 118 8.37 24.24 24.89
CA SER B 118 7.86 24.15 26.24
C SER B 118 6.78 23.08 26.43
N LEU B 119 6.68 22.54 27.65
CA LEU B 119 5.63 21.60 27.96
C LEU B 119 4.34 22.37 28.21
N PRO B 120 3.21 21.89 27.68
CA PRO B 120 1.98 22.69 27.65
C PRO B 120 1.35 22.84 29.03
N VAL B 121 2.11 23.42 29.97
CA VAL B 121 1.58 23.70 31.31
C VAL B 121 1.62 25.21 31.62
N GLY B 122 1.83 26.03 30.58
CA GLY B 122 1.79 27.49 30.75
C GLY B 122 2.95 28.05 31.54
N GLY B 123 2.89 29.35 31.83
CA GLY B 123 4.00 30.01 32.51
C GLY B 123 4.71 31.09 31.67
N GLU B 124 5.20 32.10 32.39
CA GLU B 124 6.01 33.13 31.79
C GLU B 124 7.22 32.48 31.07
N SER B 125 7.48 33.00 29.89
CA SER B 125 8.51 32.52 28.98
C SER B 125 8.30 31.07 28.61
N THR B 126 7.08 30.72 28.20
CA THR B 126 6.82 29.39 27.60
C THR B 126 6.17 29.44 26.20
N HIS B 127 6.51 28.49 25.36
CA HIS B 127 5.89 28.33 24.05
C HIS B 127 5.82 26.85 23.73
N ALA B 128 4.66 26.26 23.94
CA ALA B 128 4.46 24.85 23.68
C ALA B 128 3.91 24.78 22.27
N VAL B 129 4.41 23.84 21.48
CA VAL B 129 3.97 23.72 20.11
C VAL B 129 3.35 22.37 19.94
N LEU B 130 2.07 22.33 19.60
CA LEU B 130 1.34 21.06 19.41
C LEU B 130 0.97 20.90 17.96
N THR B 131 1.07 19.69 17.45
CA THR B 131 0.85 19.45 16.04
C THR B 131 -0.02 18.24 15.83
N ALA B 132 -0.71 18.22 14.70
CA ALA B 132 -1.61 17.12 14.35
C ALA B 132 -1.96 17.10 12.88
N HIS B 133 -2.19 15.88 12.36
CA HIS B 133 -2.49 15.64 10.95
C HIS B 133 -3.81 16.24 10.54
N ARG B 134 -4.04 16.37 9.26
CA ARG B 134 -5.30 16.79 8.74
C ARG B 134 -5.90 15.77 7.83
N GLY B 135 -7.21 15.64 7.86
CA GLY B 135 -7.88 14.75 6.95
C GLY B 135 -8.06 13.26 7.13
N LEU B 136 -7.79 12.69 8.28
CA LEU B 136 -8.04 11.27 8.43
C LEU B 136 -9.52 11.04 8.52
N PRO B 137 -10.03 10.02 7.85
CA PRO B 137 -11.46 9.75 7.89
C PRO B 137 -11.92 9.40 9.28
N THR B 138 -11.15 8.60 9.98
CA THR B 138 -11.49 8.19 11.30
C THR B 138 -11.52 9.32 12.24
N ALA B 139 -10.50 10.16 12.19
CA ALA B 139 -10.42 11.24 13.14
C ALA B 139 -10.25 12.55 12.45
N LYS B 140 -11.09 13.51 12.76
CA LYS B 140 -10.98 14.80 12.14
C LYS B 140 -9.69 15.48 12.50
N LEU B 141 -9.30 15.41 13.75
CA LEU B 141 -8.07 16.03 14.20
C LEU B 141 -7.97 17.50 13.92
N PHE B 142 -6.88 17.93 13.30
CA PHE B 142 -6.68 19.34 13.08
C PHE B 142 -7.12 19.67 11.70
N THR B 143 -7.95 18.85 11.14
CA THR B 143 -8.36 19.07 9.80
C THR B 143 -9.04 20.40 9.60
N ASN B 144 -9.83 20.82 10.55
CA ASN B 144 -10.55 22.08 10.43
C ASN B 144 -9.86 23.34 10.98
N LEU B 145 -8.57 23.21 11.30
CA LEU B 145 -7.83 24.30 11.95
C LEU B 145 -7.91 25.63 11.21
N ASP B 146 -8.14 25.57 9.90
CA ASP B 146 -8.25 26.77 9.09
C ASP B 146 -9.46 27.62 9.47
N LYS B 147 -10.37 27.08 10.28
CA LYS B 147 -11.58 27.81 10.64
C LYS B 147 -11.44 28.49 12.00
N VAL B 148 -10.29 28.32 12.62
CA VAL B 148 -9.99 29.01 13.86
C VAL B 148 -9.62 30.44 13.48
N THR B 149 -10.06 31.40 14.28
CA THR B 149 -9.82 32.82 13.99
C THR B 149 -9.18 33.53 15.18
N VAL B 150 -8.35 34.51 14.90
CA VAL B 150 -7.81 35.32 15.98
C VAL B 150 -8.99 35.76 16.83
N GLY B 151 -8.94 35.46 18.11
CA GLY B 151 -10.05 35.79 18.95
C GLY B 151 -10.69 34.56 19.56
N ASP B 152 -10.74 33.45 18.83
CA ASP B 152 -11.24 32.20 19.41
C ASP B 152 -10.31 31.74 20.53
N ARG B 153 -10.84 30.91 21.42
CA ARG B 153 -9.98 30.31 22.39
C ARG B 153 -9.88 28.81 22.27
N PHE B 154 -8.85 28.25 22.90
CA PHE B 154 -8.68 26.82 23.08
C PHE B 154 -8.17 26.59 24.48
N TYR B 155 -8.19 25.36 24.97
CA TYR B 155 -7.91 25.10 26.40
C TYR B 155 -7.02 23.88 26.49
N ILE B 156 -6.10 23.86 27.43
CA ILE B 156 -5.30 22.66 27.65
C ILE B 156 -5.59 22.14 29.03
N GLU B 157 -5.97 20.86 29.12
CA GLU B 157 -6.11 20.23 30.41
C GLU B 157 -4.99 19.26 30.63
N HIS B 158 -4.34 19.40 31.77
CA HIS B 158 -3.22 18.54 32.14
C HIS B 158 -3.35 18.09 33.64
N ILE B 159 -2.43 17.27 34.14
CA ILE B 159 -2.51 16.78 35.53
C ILE B 159 -2.86 17.85 36.55
N GLY B 160 -2.39 19.07 36.30
CA GLY B 160 -2.48 20.08 37.31
C GLY B 160 -3.69 20.94 37.13
N GLY B 161 -4.45 20.71 36.06
CA GLY B 161 -5.63 21.53 35.86
C GLY B 161 -5.79 22.00 34.44
N LYS B 162 -6.56 23.06 34.26
CA LYS B 162 -6.92 23.55 32.96
C LYS B 162 -6.37 24.95 32.80
N ILE B 163 -5.82 25.25 31.62
CA ILE B 163 -5.34 26.60 31.30
C ILE B 163 -5.95 27.04 29.99
N ALA B 164 -6.09 28.34 29.78
CA ALA B 164 -6.81 28.82 28.61
C ALA B 164 -5.96 29.70 27.69
N TYR B 165 -6.16 29.60 26.38
CA TYR B 165 -5.46 30.49 25.42
C TYR B 165 -6.42 31.22 24.49
N GLN B 166 -6.11 32.47 24.13
CA GLN B 166 -6.89 33.24 23.13
C GLN B 166 -6.01 33.48 21.93
N VAL B 167 -6.52 33.16 20.75
CA VAL B 167 -5.64 33.04 19.58
C VAL B 167 -5.23 34.43 19.20
N ASP B 168 -3.94 34.70 19.20
CA ASP B 168 -3.54 36.05 18.84
C ASP B 168 -2.91 36.22 17.46
N GLN B 169 -2.53 35.13 16.78
CA GLN B 169 -1.82 35.28 15.53
C GLN B 169 -1.96 34.00 14.70
N ILE B 170 -2.37 34.13 13.45
CA ILE B 170 -2.43 33.01 12.58
C ILE B 170 -1.43 33.34 11.51
N LYS B 171 -0.58 32.38 11.14
CA LYS B 171 0.27 32.63 9.98
C LYS B 171 0.76 31.41 9.19
N VAL B 172 1.34 31.66 8.04
CA VAL B 172 1.73 30.59 7.15
C VAL B 172 3.21 30.70 6.85
N ILE B 173 3.90 29.57 6.85
CA ILE B 173 5.34 29.57 6.73
C ILE B 173 5.84 28.38 5.94
N ALA B 174 7.08 28.48 5.46
CA ALA B 174 7.77 27.37 4.80
C ALA B 174 8.11 26.27 5.80
N PRO B 175 8.19 25.00 5.35
CA PRO B 175 8.44 23.95 6.37
C PRO B 175 9.79 24.08 7.07
N ASP B 176 10.74 24.77 6.46
CA ASP B 176 12.07 24.85 7.02
C ASP B 176 12.27 26.13 7.82
N GLN B 177 11.20 26.87 8.08
CA GLN B 177 11.28 28.09 8.91
C GLN B 177 10.74 27.86 10.32
N LEU B 178 11.53 28.19 11.33
CA LEU B 178 11.14 27.83 12.70
C LEU B 178 11.19 28.99 13.69
N GLU B 179 11.62 30.17 13.24
CA GLU B 179 11.72 31.35 14.10
C GLU B 179 10.46 31.56 14.98
N ASP B 180 9.28 31.38 14.39
CA ASP B 180 8.05 31.66 15.11
C ASP B 180 7.79 30.67 16.24
N LEU B 181 8.47 29.54 16.20
CA LEU B 181 8.25 28.45 17.15
C LEU B 181 9.00 28.57 18.46
N TYR B 182 9.98 29.46 18.56
CA TYR B 182 10.83 29.54 19.74
C TYR B 182 10.14 30.24 20.91
N VAL B 183 10.74 30.18 22.10
CA VAL B 183 10.14 30.81 23.25
C VAL B 183 10.20 32.33 23.08
N ILE B 184 9.14 33.04 23.43
CA ILE B 184 9.20 34.49 23.45
C ILE B 184 9.25 34.90 24.90
N GLN B 185 10.40 35.46 25.31
CA GLN B 185 10.65 35.77 26.73
C GLN B 185 9.55 36.63 27.28
N GLY B 186 9.06 36.25 28.44
CA GLY B 186 8.13 37.10 29.16
C GLY B 186 6.70 36.91 28.72
N GLU B 187 6.49 35.96 27.81
CA GLU B 187 5.17 35.71 27.28
C GLU B 187 4.81 34.24 27.36
N ASP B 188 3.56 33.90 27.06
CA ASP B 188 3.03 32.56 27.34
C ASP B 188 2.13 32.13 26.20
N HIS B 189 2.71 31.43 25.22
CA HIS B 189 1.98 31.01 24.02
C HIS B 189 1.95 29.50 23.81
N VAL B 190 0.88 29.04 23.18
CA VAL B 190 0.83 27.68 22.66
C VAL B 190 0.51 27.87 21.19
N THR B 191 1.20 27.14 20.31
CA THR B 191 0.89 27.17 18.91
C THR B 191 0.35 25.81 18.49
N LEU B 192 -0.65 25.85 17.60
CA LEU B 192 -1.29 24.68 17.03
C LEU B 192 -0.78 24.61 15.61
N LEU B 193 -0.09 23.52 15.27
CA LEU B 193 0.63 23.48 14.05
C LEU B 193 0.12 22.36 13.13
N THR B 194 -0.22 22.73 11.90
CA THR B 194 -0.61 21.73 10.92
C THR B 194 -0.13 22.12 9.51
N CYS B 195 -0.42 21.31 8.51
CA CYS B 195 0.03 21.60 7.18
C CYS B 195 -1.04 22.32 6.40
N THR B 196 -0.61 23.07 5.40
CA THR B 196 -1.50 23.87 4.56
C THR B 196 -0.84 24.26 3.24
N PRO B 197 -1.66 24.56 2.20
CA PRO B 197 -3.10 24.43 2.04
C PRO B 197 -3.58 23.01 2.31
N TYR B 198 -4.88 22.88 2.60
CA TYR B 198 -5.52 21.57 2.76
C TYR B 198 -5.24 20.69 1.56
N MET B 199 -4.82 19.45 1.87
CA MET B 199 -4.60 18.40 0.87
C MET B 199 -3.40 18.67 -0.04
N ILE B 200 -2.71 19.79 0.18
CA ILE B 200 -1.54 20.18 -0.60
C ILE B 200 -0.32 20.19 0.30
N ASN B 201 -0.45 20.74 1.49
CA ASN B 201 0.56 20.56 2.53
C ASN B 201 1.98 21.07 2.23
N SER B 202 2.11 22.02 1.32
CA SER B 202 3.42 22.59 0.94
C SER B 202 4.03 23.54 1.96
N HIS B 203 3.20 24.09 2.85
CA HIS B 203 3.59 25.02 3.94
C HIS B 203 2.97 24.55 5.25
N ARG B 204 3.32 25.21 6.36
CA ARG B 204 2.70 24.91 7.65
C ARG B 204 1.84 26.08 8.11
N LEU B 205 0.74 25.75 8.80
CA LEU B 205 -0.21 26.73 9.34
C LEU B 205 -0.01 26.89 10.84
N LEU B 206 0.27 28.10 11.30
CA LEU B 206 0.46 28.28 12.74
C LEU B 206 -0.65 29.07 13.41
N VAL B 207 -1.39 28.42 14.30
CA VAL B 207 -2.47 29.07 14.99
C VAL B 207 -2.01 29.27 16.42
N ARG B 208 -1.72 30.52 16.78
CA ARG B 208 -1.06 30.79 18.04
C ARG B 208 -2.00 31.43 19.04
N GLY B 209 -1.98 30.88 20.26
CA GLY B 209 -2.71 31.47 21.36
C GLY B 209 -1.80 32.17 22.33
N LYS B 210 -2.41 33.09 23.06
CA LYS B 210 -1.76 33.82 24.13
C LYS B 210 -2.50 33.40 25.40
N ARG B 211 -1.77 33.24 26.49
CA ARG B 211 -2.43 32.87 27.75
C ARG B 211 -3.45 33.92 28.22
N ILE B 212 -4.62 33.47 28.63
CA ILE B 212 -5.60 34.35 29.24
C ILE B 212 -6.07 33.65 30.50
N PRO B 213 -6.66 34.40 31.46
CA PRO B 213 -7.22 33.80 32.67
C PRO B 213 -8.34 32.81 32.33
N TYR B 214 -8.42 31.71 33.09
CA TYR B 214 -9.48 30.72 32.92
C TYR B 214 -10.72 30.94 33.78
N VAL B 215 -11.87 31.20 33.13
CA VAL B 215 -13.16 31.32 33.85
C VAL B 215 -14.00 30.01 33.95
N GLU B 216 -14.14 29.52 35.19
CA GLU B 216 -15.07 28.43 35.62
C GLU B 216 -14.83 27.02 35.03
N ASN C 16 -35.54 -41.72 -15.98
CA ASN C 16 -34.98 -41.78 -14.64
C ASN C 16 -35.62 -40.79 -13.70
N ILE C 17 -35.79 -39.56 -14.12
CA ILE C 17 -36.54 -38.59 -13.33
C ILE C 17 -37.98 -38.99 -13.25
N ASN C 18 -38.51 -39.44 -14.36
CA ASN C 18 -39.89 -39.83 -14.37
C ASN C 18 -40.00 -40.98 -13.42
N ALA C 19 -38.96 -41.77 -13.38
CA ALA C 19 -38.96 -42.84 -12.43
C ALA C 19 -39.05 -42.26 -11.05
N PHE C 20 -38.32 -41.18 -10.77
CA PHE C 20 -38.40 -40.65 -9.43
C PHE C 20 -39.81 -40.19 -9.20
N LYS C 21 -40.36 -39.46 -10.16
CA LYS C 21 -41.65 -38.86 -10.02
C LYS C 21 -42.77 -39.85 -9.87
N GLU C 22 -42.72 -40.89 -10.68
CA GLU C 22 -43.73 -41.90 -10.63
C GLU C 22 -43.68 -42.61 -9.30
N ALA C 23 -42.49 -42.88 -8.82
CA ALA C 23 -42.39 -43.58 -7.58
C ALA C 23 -42.96 -42.75 -6.46
N VAL C 24 -42.77 -41.46 -6.52
CA VAL C 24 -43.21 -40.70 -5.38
C VAL C 24 -44.69 -40.86 -5.16
N THR C 25 -45.46 -40.89 -6.21
CA THR C 25 -46.90 -40.95 -6.10
C THR C 25 -47.36 -42.18 -5.37
N LYS C 26 -46.67 -43.27 -5.59
CA LYS C 26 -47.04 -44.47 -4.95
C LYS C 26 -46.82 -44.40 -3.47
N ILE C 27 -46.05 -43.46 -2.99
CA ILE C 27 -45.75 -43.42 -1.56
C ILE C 27 -46.84 -42.74 -0.73
N ASP C 28 -47.44 -43.52 0.16
CA ASP C 28 -48.42 -43.00 1.12
C ASP C 28 -47.90 -41.72 1.75
N ARG C 29 -48.80 -40.78 1.94
CA ARG C 29 -48.47 -39.47 2.41
C ARG C 29 -47.97 -39.39 3.87
N VAL C 30 -48.61 -40.13 4.76
CA VAL C 30 -48.12 -40.27 6.15
C VAL C 30 -46.63 -40.66 6.16
N GLU C 31 -46.28 -41.58 5.27
CA GLU C 31 -44.92 -42.06 5.15
C GLU C 31 -43.99 -40.96 4.66
N ILE C 32 -44.39 -40.24 3.60
CA ILE C 32 -43.63 -39.08 3.16
C ILE C 32 -43.38 -38.12 4.32
N ASN C 33 -44.42 -37.83 5.10
CA ASN C 33 -44.29 -36.87 6.17
C ASN C 33 -43.14 -37.23 7.05
N ARG C 34 -43.10 -38.51 7.36
CA ARG C 34 -42.18 -38.95 8.37
C ARG C 34 -40.73 -38.92 7.85
N ARG C 35 -40.53 -39.31 6.60
CA ARG C 35 -39.19 -39.20 6.00
C ARG C 35 -38.72 -37.73 5.99
N LEU C 36 -39.62 -36.81 5.68
CA LEU C 36 -39.30 -35.39 5.74
C LEU C 36 -38.92 -34.92 7.14
N GLU C 37 -39.65 -35.38 8.15
CA GLU C 37 -39.31 -35.03 9.54
C GLU C 37 -37.87 -35.40 9.90
N LEU C 38 -37.36 -36.48 9.31
CA LEU C 38 -35.97 -36.93 9.51
C LEU C 38 -34.98 -36.01 8.82
N ALA C 39 -35.28 -35.69 7.56
CA ALA C 39 -34.53 -34.67 6.83
C ALA C 39 -34.51 -33.36 7.67
N TYR C 40 -35.66 -32.88 8.14
CA TYR C 40 -35.62 -31.65 8.90
C TYR C 40 -34.73 -31.77 10.13
N ALA C 41 -34.79 -32.91 10.80
CA ALA C 41 -34.04 -33.05 12.04
C ALA C 41 -32.57 -33.17 11.72
N TYR C 42 -32.28 -33.79 10.59
CA TYR C 42 -30.90 -33.91 10.15
C TYR C 42 -30.36 -32.49 9.90
N ASN C 43 -31.05 -31.74 9.09
CA ASN C 43 -30.61 -30.40 8.80
C ASN C 43 -30.44 -29.61 10.07
N ALA C 44 -31.31 -29.82 11.02
CA ALA C 44 -31.31 -29.05 12.25
C ALA C 44 -30.04 -29.23 13.03
N SER C 45 -29.54 -30.44 12.98
CA SER C 45 -28.31 -30.80 13.58
C SER C 45 -27.22 -30.07 12.90
N ILE C 46 -27.31 -29.90 11.60
CA ILE C 46 -26.26 -29.21 10.89
C ILE C 46 -26.17 -27.81 11.42
N ALA C 47 -27.31 -27.20 11.65
CA ALA C 47 -27.32 -25.86 12.16
C ALA C 47 -26.66 -25.78 13.51
N GLY C 48 -26.87 -26.72 14.42
CA GLY C 48 -26.22 -26.51 15.70
C GLY C 48 -24.74 -26.47 15.47
N ALA C 49 -24.20 -27.47 14.81
CA ALA C 49 -22.86 -27.36 14.28
C ALA C 49 -21.81 -26.66 15.12
N LYS C 50 -20.86 -27.42 15.64
CA LYS C 50 -19.71 -26.82 16.31
C LYS C 50 -18.59 -26.75 15.28
N ALA C 57 -16.49 -29.97 9.07
CA ALA C 57 -15.48 -29.46 8.13
C ALA C 57 -15.58 -30.19 6.80
N LEU C 58 -16.24 -29.54 5.84
CA LEU C 58 -16.54 -30.15 4.54
C LEU C 58 -15.27 -30.44 3.76
N LYS C 59 -15.33 -31.48 2.92
CA LYS C 59 -14.27 -31.68 1.95
C LYS C 59 -14.65 -30.92 0.67
N ASP C 60 -13.67 -30.61 -0.17
CA ASP C 60 -13.96 -30.27 -1.57
C ASP C 60 -14.24 -31.59 -2.30
N PRO C 61 -15.38 -31.67 -3.01
CA PRO C 61 -15.87 -32.93 -3.59
C PRO C 61 -14.97 -33.58 -4.62
N TYR C 62 -13.83 -32.94 -4.91
CA TYR C 62 -12.89 -33.43 -5.93
C TYR C 62 -11.47 -33.71 -5.36
N SER C 63 -10.86 -34.82 -5.79
CA SER C 63 -9.51 -35.22 -5.33
C SER C 63 -8.89 -36.31 -6.24
N VAL C 72 -22.77 -45.01 1.60
CA VAL C 72 -23.39 -43.70 1.89
C VAL C 72 -24.90 -43.83 2.19
N GLU C 73 -25.28 -43.59 3.46
CA GLU C 73 -26.68 -43.74 3.91
C GLU C 73 -27.26 -42.54 4.69
N TYR C 74 -26.48 -41.46 4.75
CA TYR C 74 -26.85 -40.24 5.46
C TYR C 74 -28.17 -39.67 4.99
N ALA C 75 -28.46 -39.84 3.71
CA ALA C 75 -29.67 -39.29 3.08
C ALA C 75 -30.71 -40.33 2.66
N ARG C 76 -30.83 -41.42 3.40
CA ARG C 76 -31.79 -42.44 3.02
C ARG C 76 -33.26 -41.98 3.00
N MET C 77 -33.73 -41.23 4.00
CA MET C 77 -35.14 -40.75 3.96
C MET C 77 -35.59 -40.16 2.66
N LEU C 78 -34.69 -39.47 1.99
CA LEU C 78 -35.04 -38.74 0.79
C LEU C 78 -34.87 -39.58 -0.44
N GLU C 79 -34.24 -40.72 -0.27
CA GLU C 79 -33.84 -41.56 -1.40
C GLU C 79 -34.99 -42.39 -1.95
N VAL C 80 -35.27 -42.18 -3.22
CA VAL C 80 -36.38 -42.83 -3.90
C VAL C 80 -35.87 -43.16 -5.28
N LYS C 81 -35.91 -44.44 -5.66
CA LYS C 81 -35.30 -44.93 -6.92
C LYS C 81 -33.87 -44.40 -7.07
N GLU C 82 -33.11 -44.52 -5.97
CA GLU C 82 -31.69 -44.12 -5.90
C GLU C 82 -31.41 -42.61 -5.93
N GLN C 83 -32.45 -41.79 -5.99
CA GLN C 83 -32.32 -40.36 -6.21
C GLN C 83 -32.95 -39.59 -5.04
N ILE C 84 -32.33 -38.47 -4.64
CA ILE C 84 -32.93 -37.65 -3.58
C ILE C 84 -33.75 -36.50 -4.13
N GLY C 85 -33.78 -36.37 -5.45
CA GLY C 85 -34.60 -35.39 -6.11
C GLY C 85 -34.03 -35.08 -7.47
N HIS C 86 -34.57 -34.05 -8.10
CA HIS C 86 -33.94 -33.52 -9.28
C HIS C 86 -33.98 -32.02 -9.18
N VAL C 87 -33.06 -31.38 -9.89
CA VAL C 87 -32.95 -29.96 -9.91
C VAL C 87 -33.17 -29.40 -11.28
N ILE C 88 -33.99 -28.39 -11.38
CA ILE C 88 -34.31 -27.80 -12.66
C ILE C 88 -33.83 -26.39 -12.77
N ILE C 89 -33.01 -26.13 -13.76
CA ILE C 89 -32.48 -24.82 -14.00
C ILE C 89 -32.87 -24.42 -15.38
N PRO C 90 -33.89 -23.62 -15.50
CA PRO C 90 -34.39 -23.24 -16.80
C PRO C 90 -33.43 -22.48 -17.64
N ARG C 91 -32.65 -21.58 -17.10
CA ARG C 91 -31.87 -20.81 -18.02
C ARG C 91 -31.01 -21.68 -18.88
N ILE C 92 -30.40 -22.68 -18.32
CA ILE C 92 -29.55 -23.55 -19.08
C ILE C 92 -30.31 -24.76 -19.49
N ASN C 93 -31.57 -24.78 -19.13
CA ASN C 93 -32.45 -25.88 -19.49
C ASN C 93 -32.19 -27.32 -19.18
N GLN C 94 -31.70 -27.56 -17.99
CA GLN C 94 -31.45 -28.89 -17.49
C GLN C 94 -32.40 -29.36 -16.44
N ASP C 95 -32.64 -30.65 -16.40
CA ASP C 95 -33.33 -31.25 -15.32
C ASP C 95 -32.38 -32.35 -15.00
N ILE C 96 -31.79 -32.32 -13.84
CA ILE C 96 -30.82 -33.34 -13.48
C ILE C 96 -31.14 -34.00 -12.15
N PRO C 97 -31.11 -35.35 -12.11
CA PRO C 97 -31.25 -36.04 -10.83
C PRO C 97 -30.24 -35.58 -9.77
N ILE C 98 -30.63 -35.71 -8.51
CA ILE C 98 -29.69 -35.50 -7.43
C ILE C 98 -29.39 -36.78 -6.65
N TYR C 99 -28.10 -37.03 -6.41
CA TYR C 99 -27.65 -38.21 -5.67
C TYR C 99 -26.97 -37.82 -4.38
N ALA C 100 -27.24 -38.61 -3.34
CA ALA C 100 -26.55 -38.45 -2.10
C ALA C 100 -25.06 -38.69 -2.31
N GLY C 101 -24.25 -37.91 -1.59
CA GLY C 101 -22.80 -38.01 -1.63
C GLY C 101 -22.19 -37.35 -2.87
N SER C 102 -20.86 -37.31 -2.90
CA SER C 102 -20.12 -36.79 -4.05
C SER C 102 -19.17 -37.87 -4.65
N ALA C 103 -19.63 -39.13 -4.62
CA ALA C 103 -18.86 -40.25 -5.19
C ALA C 103 -18.99 -40.31 -6.73
N GLU C 104 -17.85 -40.51 -7.39
CA GLU C 104 -17.70 -40.39 -8.85
C GLU C 104 -18.70 -41.27 -9.61
N GLU C 105 -19.00 -42.42 -8.99
CA GLU C 105 -20.05 -43.36 -9.40
C GLU C 105 -21.29 -42.62 -9.90
N ASN C 106 -21.69 -41.62 -9.11
CA ASN C 106 -22.92 -40.84 -9.28
C ASN C 106 -22.68 -39.54 -10.02
N LEU C 107 -21.51 -38.93 -9.75
CA LEU C 107 -21.13 -37.68 -10.38
C LEU C 107 -20.92 -37.83 -11.90
N GLN C 108 -21.14 -39.05 -12.41
CA GLN C 108 -21.23 -39.34 -13.86
C GLN C 108 -22.65 -39.48 -14.42
N ARG C 109 -23.65 -39.59 -13.54
CA ARG C 109 -25.06 -39.71 -13.97
C ARG C 109 -26.00 -38.59 -13.49
N GLY C 110 -25.43 -37.58 -12.85
CA GLY C 110 -26.19 -36.42 -12.44
C GLY C 110 -25.49 -35.50 -11.44
N VAL C 111 -26.27 -35.01 -10.48
CA VAL C 111 -25.78 -34.04 -9.50
C VAL C 111 -25.52 -34.76 -8.16
N GLY C 112 -24.42 -34.42 -7.50
CA GLY C 112 -24.12 -35.02 -6.21
C GLY C 112 -24.28 -34.02 -5.08
N HIS C 113 -24.86 -34.46 -3.95
CA HIS C 113 -25.06 -33.58 -2.80
C HIS C 113 -23.84 -33.67 -1.88
N LEU C 114 -23.33 -32.53 -1.45
CA LEU C 114 -22.11 -32.50 -0.66
C LEU C 114 -22.39 -32.81 0.81
N GLU C 115 -21.95 -33.99 1.23
CA GLU C 115 -22.26 -34.48 2.55
C GLU C 115 -21.66 -33.56 3.60
N GLY C 116 -22.49 -33.14 4.55
CA GLY C 116 -22.10 -32.09 5.52
C GLY C 116 -22.97 -30.85 5.41
N THR C 117 -23.46 -30.57 4.21
CA THR C 117 -24.38 -29.50 4.04
C THR C 117 -25.84 -29.97 4.22
N SER C 118 -26.74 -29.01 4.39
CA SER C 118 -28.16 -29.26 4.47
C SER C 118 -28.71 -30.14 3.36
N LEU C 119 -29.70 -30.97 3.70
CA LEU C 119 -30.39 -31.75 2.66
C LEU C 119 -31.34 -30.83 1.89
N PRO C 120 -31.40 -30.99 0.56
CA PRO C 120 -32.12 -30.02 -0.25
C PRO C 120 -33.65 -30.06 -0.09
N VAL C 121 -34.15 -29.93 1.12
CA VAL C 121 -35.56 -29.86 1.32
C VAL C 121 -35.73 -28.76 2.27
N GLY C 122 -35.30 -27.57 1.83
CA GLY C 122 -35.08 -26.41 2.65
C GLY C 122 -36.09 -25.70 3.54
N GLY C 123 -35.55 -25.28 4.67
CA GLY C 123 -36.22 -24.51 5.70
C GLY C 123 -35.19 -23.44 5.99
N GLU C 124 -35.61 -22.35 6.64
CA GLU C 124 -34.67 -21.26 6.89
C GLU C 124 -33.48 -21.76 7.71
N SER C 125 -32.29 -21.25 7.39
CA SER C 125 -31.06 -21.66 8.06
C SER C 125 -30.43 -22.90 7.44
N THR C 126 -30.93 -23.32 6.28
CA THR C 126 -30.41 -24.50 5.59
C THR C 126 -29.67 -24.14 4.30
N HIS C 127 -28.45 -24.70 4.15
CA HIS C 127 -27.64 -24.44 2.98
C HIS C 127 -27.19 -25.77 2.36
N ALA C 128 -27.89 -26.19 1.31
CA ALA C 128 -27.63 -27.45 0.64
C ALA C 128 -26.72 -27.09 -0.50
N VAL C 129 -25.67 -27.89 -0.69
CA VAL C 129 -24.70 -27.62 -1.75
C VAL C 129 -24.74 -28.80 -2.70
N LEU C 130 -24.94 -28.52 -3.99
CA LEU C 130 -25.07 -29.54 -4.99
C LEU C 130 -24.02 -29.27 -6.03
N THR C 131 -23.35 -30.33 -6.47
CA THR C 131 -22.17 -30.23 -7.28
C THR C 131 -22.25 -31.19 -8.46
N ALA C 132 -21.64 -30.81 -9.58
CA ALA C 132 -21.73 -31.58 -10.80
C ALA C 132 -20.61 -31.23 -11.76
N HIS C 133 -19.97 -32.24 -12.37
CA HIS C 133 -18.94 -32.07 -13.41
C HIS C 133 -19.35 -31.13 -14.54
N ARG C 134 -18.34 -30.50 -15.13
CA ARG C 134 -18.58 -29.75 -16.36
C ARG C 134 -18.21 -30.50 -17.64
N GLY C 135 -19.16 -30.52 -18.57
CA GLY C 135 -18.92 -30.95 -19.94
C GLY C 135 -18.34 -32.37 -20.01
N LEU C 136 -19.12 -33.34 -19.52
CA LEU C 136 -18.98 -34.75 -19.94
C LEU C 136 -19.67 -34.95 -21.30
N PRO C 137 -19.16 -35.91 -22.13
CA PRO C 137 -19.58 -35.93 -23.53
C PRO C 137 -20.91 -36.65 -23.71
N THR C 138 -21.20 -37.51 -22.74
CA THR C 138 -22.52 -38.14 -22.62
C THR C 138 -23.55 -37.09 -22.17
N ALA C 139 -23.25 -36.44 -21.03
CA ALA C 139 -24.19 -35.48 -20.38
C ALA C 139 -23.58 -34.08 -20.09
N LYS C 140 -24.28 -33.03 -20.52
CA LYS C 140 -23.76 -31.66 -20.41
C LYS C 140 -23.58 -31.28 -18.92
N LEU C 141 -24.55 -31.69 -18.09
CA LEU C 141 -24.53 -31.46 -16.63
C LEU C 141 -24.40 -29.98 -16.27
N PHE C 142 -23.51 -29.62 -15.35
CA PHE C 142 -23.29 -28.18 -15.02
C PHE C 142 -22.35 -27.44 -15.97
N THR C 143 -21.97 -28.06 -17.08
CA THR C 143 -21.11 -27.41 -18.07
C THR C 143 -21.44 -25.91 -18.31
N ASN C 144 -22.74 -25.59 -18.51
CA ASN C 144 -23.15 -24.20 -18.81
C ASN C 144 -23.62 -23.31 -17.65
N LEU C 145 -23.20 -23.69 -16.43
CA LEU C 145 -23.59 -23.00 -15.20
C LEU C 145 -23.00 -21.59 -15.18
N ASP C 146 -22.02 -21.35 -16.03
CA ASP C 146 -21.49 -20.01 -16.13
C ASP C 146 -22.53 -19.04 -16.76
N LYS C 147 -23.59 -19.61 -17.33
CA LYS C 147 -24.56 -18.81 -18.09
C LYS C 147 -25.76 -18.44 -17.21
N VAL C 148 -25.75 -18.93 -15.98
CA VAL C 148 -26.78 -18.57 -15.02
C VAL C 148 -26.44 -17.17 -14.46
N THR C 149 -27.46 -16.38 -14.21
CA THR C 149 -27.30 -15.01 -13.73
C THR C 149 -28.14 -14.75 -12.49
N VAL C 150 -27.65 -13.87 -11.63
CA VAL C 150 -28.42 -13.38 -10.49
C VAL C 150 -29.77 -12.91 -11.02
N GLY C 151 -30.83 -13.37 -10.39
CA GLY C 151 -32.19 -13.09 -10.81
C GLY C 151 -32.82 -14.34 -11.41
N ASP C 152 -32.01 -15.16 -12.10
CA ASP C 152 -32.48 -16.43 -12.64
C ASP C 152 -32.97 -17.34 -11.52
N ARG C 153 -34.00 -18.12 -11.83
CA ARG C 153 -34.60 -18.99 -10.85
C ARG C 153 -34.17 -20.43 -11.11
N PHE C 154 -34.15 -21.25 -10.05
CA PHE C 154 -34.02 -22.68 -10.19
C PHE C 154 -34.90 -23.39 -9.18
N TYR C 155 -35.21 -24.66 -9.41
CA TYR C 155 -36.16 -25.38 -8.56
C TYR C 155 -35.62 -26.76 -8.18
N ILE C 156 -36.03 -27.25 -7.01
CA ILE C 156 -35.63 -28.57 -6.57
C ILE C 156 -36.89 -29.38 -6.30
N GLU C 157 -36.95 -30.58 -6.86
CA GLU C 157 -38.09 -31.44 -6.61
C GLU C 157 -37.65 -32.63 -5.79
N HIS C 158 -38.27 -32.77 -4.63
CA HIS C 158 -37.96 -33.83 -3.71
C HIS C 158 -39.29 -34.49 -3.26
N ILE C 159 -39.22 -35.58 -2.46
CA ILE C 159 -40.42 -36.38 -2.15
C ILE C 159 -41.59 -35.54 -1.69
N GLY C 160 -41.29 -34.43 -1.04
CA GLY C 160 -42.32 -33.61 -0.45
C GLY C 160 -42.87 -32.60 -1.43
N GLY C 161 -42.15 -32.35 -2.51
CA GLY C 161 -42.67 -31.41 -3.51
C GLY C 161 -41.62 -30.53 -4.16
N LYS C 162 -42.07 -29.38 -4.65
CA LYS C 162 -41.21 -28.49 -5.41
C LYS C 162 -40.93 -27.20 -4.63
N ILE C 163 -39.66 -26.84 -4.49
CA ILE C 163 -39.32 -25.61 -3.77
C ILE C 163 -38.50 -24.77 -4.67
N ALA C 164 -38.62 -23.45 -4.57
CA ALA C 164 -38.03 -22.54 -5.57
C ALA C 164 -36.89 -21.65 -5.04
N TYR C 165 -35.85 -21.42 -5.85
CA TYR C 165 -34.75 -20.53 -5.42
C TYR C 165 -34.43 -19.47 -6.44
N GLN C 166 -34.05 -18.29 -5.97
CA GLN C 166 -33.64 -17.23 -6.89
C GLN C 166 -32.18 -16.93 -6.69
N VAL C 167 -31.39 -17.01 -7.77
CA VAL C 167 -29.94 -16.83 -7.66
C VAL C 167 -29.64 -15.44 -7.07
N ASP C 168 -28.92 -15.37 -5.97
CA ASP C 168 -28.62 -14.08 -5.36
C ASP C 168 -27.14 -13.79 -5.24
N GLN C 169 -26.27 -14.71 -5.62
CA GLN C 169 -24.81 -14.48 -5.53
C GLN C 169 -24.03 -15.49 -6.37
N ILE C 170 -23.12 -15.01 -7.22
CA ILE C 170 -22.26 -15.89 -7.97
C ILE C 170 -20.83 -15.56 -7.60
N LYS C 171 -20.03 -16.54 -7.23
CA LYS C 171 -18.76 -16.22 -6.65
C LYS C 171 -17.74 -17.20 -7.15
N VAL C 172 -16.49 -16.79 -7.24
CA VAL C 172 -15.44 -17.70 -7.66
C VAL C 172 -14.42 -17.85 -6.55
N ILE C 173 -14.11 -19.08 -6.20
CA ILE C 173 -13.21 -19.34 -5.10
C ILE C 173 -12.13 -20.37 -5.44
N ALA C 174 -11.07 -20.34 -4.64
CA ALA C 174 -10.05 -21.37 -4.59
C ALA C 174 -10.62 -22.67 -4.00
N PRO C 175 -10.15 -23.83 -4.51
CA PRO C 175 -10.64 -25.14 -4.10
C PRO C 175 -10.51 -25.46 -2.60
N ASP C 176 -9.64 -24.75 -1.89
CA ASP C 176 -9.49 -25.01 -0.45
C ASP C 176 -10.35 -24.08 0.42
N GLN C 177 -11.15 -23.20 -0.19
CA GLN C 177 -12.01 -22.29 0.57
C GLN C 177 -13.44 -22.78 0.77
N LEU C 178 -13.88 -22.87 2.01
CA LEU C 178 -15.18 -23.42 2.20
C LEU C 178 -16.11 -22.57 3.07
N GLU C 179 -15.70 -21.35 3.39
CA GLU C 179 -16.54 -20.48 4.26
C GLU C 179 -17.95 -20.31 3.66
N ASP C 180 -17.98 -20.09 2.35
CA ASP C 180 -19.22 -19.79 1.65
C ASP C 180 -20.25 -20.89 1.67
N LEU C 181 -19.78 -22.12 1.88
CA LEU C 181 -20.63 -23.33 1.85
C LEU C 181 -21.30 -23.71 3.16
N TYR C 182 -21.05 -23.00 4.23
CA TYR C 182 -21.66 -23.37 5.50
C TYR C 182 -23.07 -22.81 5.64
N VAL C 183 -23.82 -23.26 6.63
CA VAL C 183 -25.15 -22.69 6.86
C VAL C 183 -25.09 -21.23 7.26
N ILE C 184 -26.00 -20.41 6.72
CA ILE C 184 -26.15 -19.04 7.16
C ILE C 184 -27.46 -18.98 7.95
N GLN C 185 -27.34 -18.71 9.25
CA GLN C 185 -28.48 -18.77 10.17
C GLN C 185 -29.61 -17.89 9.73
N GLY C 186 -30.84 -18.38 9.91
CA GLY C 186 -32.05 -17.62 9.57
C GLY C 186 -32.28 -17.55 8.08
N GLU C 187 -31.43 -18.20 7.30
CA GLU C 187 -31.54 -18.13 5.86
C GLU C 187 -31.48 -19.42 5.02
N ASP C 188 -32.18 -19.42 3.90
CA ASP C 188 -32.40 -20.64 3.15
C ASP C 188 -31.72 -20.62 1.82
N HIS C 189 -30.57 -21.31 1.69
CA HIS C 189 -29.80 -21.23 0.47
C HIS C 189 -29.50 -22.59 -0.16
N VAL C 190 -29.42 -22.64 -1.50
CA VAL C 190 -28.85 -23.79 -2.20
C VAL C 190 -27.70 -23.28 -3.10
N THR C 191 -26.56 -23.94 -3.05
CA THR C 191 -25.46 -23.55 -3.94
C THR C 191 -25.26 -24.66 -4.99
N LEU C 192 -25.19 -24.25 -6.24
CA LEU C 192 -24.79 -25.12 -7.30
C LEU C 192 -23.28 -24.89 -7.55
N LEU C 193 -22.47 -25.92 -7.31
CA LEU C 193 -21.06 -25.73 -7.31
C LEU C 193 -20.44 -26.57 -8.41
N THR C 194 -19.53 -25.97 -9.17
CA THR C 194 -18.78 -26.70 -10.19
C THR C 194 -17.39 -26.12 -10.31
N CYS C 195 -16.57 -26.65 -11.21
CA CYS C 195 -15.21 -26.14 -11.46
C CYS C 195 -15.23 -25.05 -12.54
N THR C 196 -14.21 -24.17 -12.50
CA THR C 196 -14.07 -23.02 -13.44
C THR C 196 -12.64 -22.53 -13.41
N PRO C 197 -12.20 -21.79 -14.44
CA PRO C 197 -12.79 -21.52 -15.75
C PRO C 197 -13.05 -22.81 -16.49
N TYR C 198 -13.91 -22.73 -17.50
CA TYR C 198 -14.26 -23.89 -18.32
C TYR C 198 -12.95 -24.55 -18.78
N MET C 199 -12.87 -25.87 -18.65
CA MET C 199 -11.72 -26.64 -19.14
C MET C 199 -10.35 -26.36 -18.46
N ILE C 200 -10.30 -25.36 -17.55
CA ILE C 200 -9.11 -25.16 -16.73
C ILE C 200 -9.29 -25.78 -15.33
N ASN C 201 -10.42 -25.47 -14.67
CA ASN C 201 -10.81 -26.04 -13.37
C ASN C 201 -9.90 -25.77 -12.19
N SER C 202 -9.16 -24.68 -12.27
CA SER C 202 -8.28 -24.20 -11.19
C SER C 202 -9.03 -23.68 -9.97
N HIS C 203 -10.28 -23.26 -10.17
CA HIS C 203 -11.08 -22.69 -9.10
C HIS C 203 -12.48 -23.32 -9.13
N ARG C 204 -13.34 -22.94 -8.17
CA ARG C 204 -14.71 -23.42 -8.17
C ARG C 204 -15.67 -22.26 -8.38
N LEU C 205 -16.77 -22.53 -9.09
CA LEU C 205 -17.85 -21.54 -9.32
C LEU C 205 -19.04 -21.82 -8.42
N LEU C 206 -19.53 -20.82 -7.71
CA LEU C 206 -20.63 -21.08 -6.80
C LEU C 206 -21.81 -20.23 -7.17
N VAL C 207 -22.89 -20.87 -7.61
CA VAL C 207 -24.11 -20.14 -7.95
C VAL C 207 -25.14 -20.34 -6.82
N ARG C 208 -25.40 -19.28 -6.07
CA ARG C 208 -26.23 -19.42 -4.90
C ARG C 208 -27.60 -18.82 -5.13
N GLY C 209 -28.62 -19.59 -4.82
CA GLY C 209 -29.96 -19.10 -4.79
C GLY C 209 -30.43 -18.89 -3.37
N LYS C 210 -31.32 -17.92 -3.21
CA LYS C 210 -32.09 -17.68 -2.01
C LYS C 210 -33.50 -18.29 -2.17
N ARG C 211 -34.02 -18.94 -1.13
CA ARG C 211 -35.38 -19.46 -1.14
C ARG C 211 -36.41 -18.36 -1.44
N ILE C 212 -37.34 -18.68 -2.35
CA ILE C 212 -38.50 -17.84 -2.62
C ILE C 212 -39.76 -18.67 -2.71
N PRO C 213 -40.93 -18.08 -2.40
CA PRO C 213 -42.24 -18.69 -2.60
C PRO C 213 -42.41 -19.34 -3.99
N TYR C 214 -42.97 -20.54 -4.03
CA TYR C 214 -43.20 -21.23 -5.28
C TYR C 214 -44.53 -20.78 -5.87
N VAL C 215 -44.46 -19.79 -6.76
CA VAL C 215 -45.65 -19.22 -7.39
C VAL C 215 -46.04 -20.10 -8.58
N GLU C 216 -47.35 -20.31 -8.76
CA GLU C 216 -47.88 -21.22 -9.80
C GLU C 216 -47.49 -20.89 -11.26
N LYS C 217 -47.88 -19.70 -11.74
CA LYS C 217 -47.39 -19.17 -13.01
C LYS C 217 -45.94 -18.72 -12.78
N THR C 218 -45.00 -19.64 -13.05
CA THR C 218 -43.61 -19.60 -12.54
C THR C 218 -42.95 -18.22 -12.54
N ALA D 15 -18.66 15.30 -23.91
CA ALA D 15 -18.49 14.64 -22.63
C ALA D 15 -17.12 14.00 -22.52
N ASN D 16 -16.25 14.23 -23.49
CA ASN D 16 -14.97 13.60 -23.36
C ASN D 16 -14.09 14.45 -22.51
N ILE D 17 -14.48 14.49 -21.27
CA ILE D 17 -13.87 15.28 -20.26
C ILE D 17 -12.71 14.46 -19.74
N ASN D 18 -12.51 13.28 -20.30
CA ASN D 18 -11.41 12.41 -19.88
C ASN D 18 -10.12 12.88 -20.51
N ALA D 19 -9.83 14.14 -20.25
CA ALA D 19 -8.64 14.82 -20.71
C ALA D 19 -7.76 14.73 -19.51
N PHE D 20 -8.16 13.90 -18.58
CA PHE D 20 -7.41 13.74 -17.37
C PHE D 20 -6.06 13.25 -17.76
N LYS D 21 -6.00 12.40 -18.75
CA LYS D 21 -4.72 11.84 -19.11
C LYS D 21 -3.78 12.96 -19.51
N GLU D 22 -4.31 13.93 -20.23
CA GLU D 22 -3.49 15.03 -20.67
C GLU D 22 -2.96 15.81 -19.51
N ALA D 23 -3.82 16.07 -18.55
CA ALA D 23 -3.42 16.83 -17.39
C ALA D 23 -2.44 16.10 -16.50
N VAL D 24 -2.59 14.81 -16.43
CA VAL D 24 -1.78 14.02 -15.55
C VAL D 24 -0.32 14.03 -15.91
N THR D 25 0.01 13.99 -17.18
CA THR D 25 1.41 13.99 -17.57
C THR D 25 2.09 15.25 -17.19
N LYS D 26 1.35 16.33 -17.22
CA LYS D 26 1.87 17.64 -16.88
C LYS D 26 2.13 17.80 -15.37
N ILE D 27 1.78 16.80 -14.57
CA ILE D 27 2.04 16.88 -13.14
C ILE D 27 3.37 16.23 -12.87
N ASP D 28 4.30 17.02 -12.35
CA ASP D 28 5.59 16.54 -11.86
C ASP D 28 5.39 15.28 -10.99
N ARG D 29 6.33 14.36 -11.12
CA ARG D 29 6.19 13.06 -10.53
C ARG D 29 6.33 13.04 -9.00
N VAL D 30 7.32 13.75 -8.47
CA VAL D 30 7.45 13.95 -7.03
C VAL D 30 6.09 14.37 -6.44
N GLU D 31 5.36 15.21 -7.16
CA GLU D 31 4.09 15.72 -6.69
C GLU D 31 3.03 14.62 -6.69
N ILE D 32 2.90 13.89 -7.79
CA ILE D 32 2.04 12.71 -7.85
C ILE D 32 2.33 11.78 -6.67
N ASN D 33 3.59 11.45 -6.45
CA ASN D 33 3.97 10.62 -5.32
C ASN D 33 3.30 11.05 -4.02
N ARG D 34 3.39 12.33 -3.68
CA ARG D 34 2.89 12.70 -2.38
C ARG D 34 1.37 12.81 -2.28
N ARG D 35 0.70 13.08 -3.40
CA ARG D 35 -0.77 12.98 -3.42
C ARG D 35 -1.19 11.52 -3.15
N LEU D 36 -0.54 10.58 -3.84
CA LEU D 36 -0.79 9.18 -3.61
C LEU D 36 -0.54 8.80 -2.16
N GLU D 37 0.53 9.30 -1.56
CA GLU D 37 0.82 8.94 -0.15
C GLU D 37 -0.33 9.36 0.75
N LEU D 38 -1.01 10.44 0.36
CA LEU D 38 -2.18 10.90 1.10
C LEU D 38 -3.36 9.94 0.91
N ALA D 39 -3.65 9.59 -0.35
CA ALA D 39 -4.65 8.54 -0.60
C ALA D 39 -4.37 7.25 0.21
N TYR D 40 -3.12 6.76 0.22
CA TYR D 40 -2.78 5.54 0.96
C TYR D 40 -3.02 5.72 2.45
N ALA D 41 -2.67 6.88 2.97
CA ALA D 41 -2.86 7.15 4.39
C ALA D 41 -4.35 7.22 4.71
N TYR D 42 -5.12 7.81 3.80
CA TYR D 42 -6.56 7.91 3.96
C TYR D 42 -7.14 6.48 4.00
N ASN D 43 -6.69 5.65 3.05
CA ASN D 43 -7.11 4.27 2.95
C ASN D 43 -6.77 3.49 4.21
N ALA D 44 -5.55 3.69 4.72
CA ALA D 44 -5.06 2.98 5.90
C ALA D 44 -5.95 3.14 7.14
N SER D 45 -6.60 4.28 7.27
CA SER D 45 -7.47 4.47 8.40
C SER D 45 -8.86 3.87 8.22
N ILE D 46 -9.32 3.69 6.98
CA ILE D 46 -10.58 2.97 6.75
C ILE D 46 -10.36 1.54 7.26
N ALA D 47 -9.24 0.95 6.88
CA ALA D 47 -8.86 -0.36 7.38
C ALA D 47 -8.77 -0.45 8.91
N GLY D 48 -8.50 0.68 9.60
CA GLY D 48 -8.53 0.75 11.09
C GLY D 48 -9.96 0.63 11.62
N ALA D 49 -10.59 1.77 11.86
CA ALA D 49 -12.05 1.87 12.10
C ALA D 49 -12.66 1.02 13.24
N PRO D 56 -16.70 3.23 9.68
CA PRO D 56 -17.69 4.21 9.24
C PRO D 56 -18.98 3.52 8.81
N ALA D 57 -20.14 4.13 9.07
CA ALA D 57 -21.42 3.54 8.65
C ALA D 57 -21.92 4.15 7.34
N LEU D 58 -21.74 3.43 6.24
CA LEU D 58 -21.95 3.99 4.91
C LEU D 58 -23.41 4.29 4.69
N LYS D 59 -23.70 5.32 3.89
CA LYS D 59 -25.08 5.58 3.51
C LYS D 59 -25.29 5.12 2.05
N ASP D 60 -26.30 4.27 1.81
CA ASP D 60 -26.71 3.96 0.44
C ASP D 60 -26.78 5.28 -0.37
N PRO D 61 -26.05 5.36 -1.49
CA PRO D 61 -25.87 6.58 -2.26
C PRO D 61 -27.15 7.16 -2.87
N TYR D 62 -28.28 6.46 -2.68
CA TYR D 62 -29.58 6.89 -3.26
C TYR D 62 -30.66 7.17 -2.21
N GLN D 66 -30.22 10.22 -2.59
CA GLN D 66 -30.43 10.81 -1.27
C GLN D 66 -29.60 12.08 -1.10
N LYS D 67 -30.31 13.21 -0.87
CA LYS D 67 -29.71 14.56 -0.64
C LYS D 67 -28.44 14.87 -1.49
N GLN D 68 -28.59 14.74 -2.80
CA GLN D 68 -27.47 14.70 -3.71
C GLN D 68 -27.51 15.83 -4.73
N VAL D 71 -20.32 20.95 -0.39
CA VAL D 71 -19.07 20.58 -1.08
C VAL D 71 -18.40 19.34 -0.44
N VAL D 72 -17.50 18.73 -1.22
CA VAL D 72 -16.89 17.43 -0.94
C VAL D 72 -15.40 17.49 -1.28
N GLU D 73 -14.54 17.28 -0.27
CA GLU D 73 -13.11 17.49 -0.44
C GLU D 73 -12.25 16.32 0.02
N TYR D 74 -12.91 15.28 0.54
CA TYR D 74 -12.23 14.11 1.08
C TYR D 74 -11.19 13.49 0.13
N ALA D 75 -11.43 13.61 -1.17
CA ALA D 75 -10.59 12.96 -2.16
C ALA D 75 -9.83 13.96 -3.01
N ARG D 76 -9.47 15.09 -2.42
CA ARG D 76 -8.82 16.14 -3.19
C ARG D 76 -7.49 15.67 -3.81
N MET D 77 -6.63 14.98 -3.05
CA MET D 77 -5.34 14.54 -3.64
C MET D 77 -5.45 13.89 -5.00
N LEU D 78 -6.54 13.15 -5.22
CA LEU D 78 -6.71 12.36 -6.45
C LEU D 78 -7.37 13.14 -7.57
N GLU D 79 -7.86 14.33 -7.22
CA GLU D 79 -8.71 15.10 -8.08
C GLU D 79 -7.86 15.88 -9.05
N VAL D 80 -8.15 15.70 -10.33
CA VAL D 80 -7.42 16.30 -11.42
C VAL D 80 -8.42 16.59 -12.55
N LYS D 81 -8.59 17.86 -12.88
CA LYS D 81 -9.66 18.29 -13.80
C LYS D 81 -11.04 17.82 -13.29
N GLU D 82 -11.23 18.01 -11.97
CA GLU D 82 -12.43 17.59 -11.19
C GLU D 82 -12.85 16.09 -11.35
N GLN D 83 -11.87 15.22 -11.57
CA GLN D 83 -12.08 13.78 -11.74
C GLN D 83 -11.05 13.04 -10.90
N ILE D 84 -11.44 11.93 -10.24
CA ILE D 84 -10.43 11.12 -9.51
C ILE D 84 -9.89 9.98 -10.33
N GLY D 85 -10.39 9.83 -11.54
CA GLY D 85 -9.85 8.88 -12.49
C GLY D 85 -10.97 8.45 -13.42
N HIS D 86 -10.77 7.39 -14.18
CA HIS D 86 -11.81 6.90 -15.01
C HIS D 86 -11.82 5.42 -14.87
N VAL D 87 -12.93 4.77 -15.12
CA VAL D 87 -12.99 3.32 -14.99
C VAL D 87 -13.30 2.71 -16.30
N ILE D 88 -12.71 1.59 -16.62
CA ILE D 88 -12.96 0.98 -17.90
C ILE D 88 -13.45 -0.42 -17.74
N ILE D 89 -14.59 -0.73 -18.31
CA ILE D 89 -15.05 -2.07 -18.22
C ILE D 89 -15.08 -2.40 -19.63
N PRO D 90 -14.18 -3.21 -20.08
CA PRO D 90 -14.11 -3.49 -21.48
C PRO D 90 -15.33 -4.16 -21.97
N ARG D 91 -15.85 -5.08 -21.21
CA ARG D 91 -16.95 -5.87 -21.69
C ARG D 91 -18.20 -5.13 -22.03
N ILE D 92 -18.63 -4.16 -21.25
CA ILE D 92 -19.79 -3.40 -21.63
C ILE D 92 -19.22 -2.24 -22.33
N ASN D 93 -17.93 -2.32 -22.51
CA ASN D 93 -17.20 -1.35 -23.27
C ASN D 93 -17.48 0.11 -23.02
N GLN D 94 -17.19 0.51 -21.79
CA GLN D 94 -17.35 1.86 -21.28
C GLN D 94 -16.03 2.37 -20.77
N ASP D 95 -15.87 3.67 -20.79
CA ASP D 95 -14.77 4.31 -20.14
C ASP D 95 -15.50 5.47 -19.57
N ILE D 96 -15.57 5.56 -18.25
CA ILE D 96 -16.33 6.61 -17.57
C ILE D 96 -15.54 7.30 -16.49
N PRO D 97 -15.64 8.60 -16.37
CA PRO D 97 -14.90 9.29 -15.35
C PRO D 97 -15.43 9.01 -14.00
N ILE D 98 -14.59 9.08 -12.99
CA ILE D 98 -14.99 8.86 -11.61
C ILE D 98 -14.91 10.17 -10.87
N TYR D 99 -15.97 10.50 -10.13
CA TYR D 99 -16.05 11.71 -9.31
C TYR D 99 -16.13 11.37 -7.84
N ALA D 100 -15.49 12.16 -7.00
CA ALA D 100 -15.64 11.97 -5.57
C ALA D 100 -17.09 12.22 -5.21
N GLY D 101 -17.53 11.64 -4.09
CA GLY D 101 -18.91 11.74 -3.62
C GLY D 101 -19.87 11.05 -4.58
N SER D 102 -21.16 11.16 -4.31
CA SER D 102 -22.16 10.47 -5.12
C SER D 102 -23.27 11.45 -5.36
N ALA D 103 -22.95 12.73 -5.20
CA ALA D 103 -23.90 13.82 -5.39
C ALA D 103 -24.40 13.83 -6.82
N GLU D 104 -25.70 14.06 -6.98
CA GLU D 104 -26.45 13.82 -8.22
C GLU D 104 -25.96 14.57 -9.47
N GLU D 105 -25.43 15.77 -9.33
CA GLU D 105 -24.94 16.50 -10.51
C GLU D 105 -23.80 15.72 -11.18
N ASN D 106 -22.94 15.10 -10.34
CA ASN D 106 -21.87 14.19 -10.81
C ASN D 106 -22.39 12.86 -11.35
N LEU D 107 -23.32 12.23 -10.62
CA LEU D 107 -23.91 10.97 -11.07
C LEU D 107 -24.52 11.08 -12.46
N GLN D 108 -24.74 12.31 -12.91
CA GLN D 108 -25.29 12.49 -14.24
C GLN D 108 -24.23 12.54 -15.32
N ARG D 109 -22.99 12.77 -14.92
CA ARG D 109 -21.87 12.87 -15.89
C ARG D 109 -20.78 11.77 -15.74
N GLY D 110 -21.06 10.76 -14.90
CA GLY D 110 -20.18 9.61 -14.79
C GLY D 110 -20.41 8.74 -13.58
N VAL D 111 -19.32 8.31 -12.98
CA VAL D 111 -19.36 7.35 -11.87
C VAL D 111 -19.04 8.12 -10.59
N GLY D 112 -19.72 7.78 -9.50
CA GLY D 112 -19.45 8.43 -8.20
C GLY D 112 -18.87 7.46 -7.19
N HIS D 113 -17.95 7.96 -6.37
CA HIS D 113 -17.28 7.13 -5.39
C HIS D 113 -18.01 7.28 -4.09
N LEU D 114 -18.28 6.16 -3.43
CA LEU D 114 -19.02 6.16 -2.21
C LEU D 114 -18.12 6.47 -1.00
N GLU D 115 -18.32 7.67 -0.47
CA GLU D 115 -17.51 8.21 0.63
C GLU D 115 -17.66 7.34 1.83
N GLY D 116 -16.54 6.91 2.40
CA GLY D 116 -16.56 5.94 3.46
C GLY D 116 -15.74 4.76 3.04
N THR D 117 -15.82 4.38 1.77
CA THR D 117 -15.00 3.29 1.28
C THR D 117 -13.60 3.73 0.78
N SER D 118 -12.73 2.76 0.55
CA SER D 118 -11.38 3.04 0.09
C SER D 118 -11.35 3.93 -1.15
N LEU D 119 -10.26 4.67 -1.31
CA LEU D 119 -10.08 5.45 -2.51
C LEU D 119 -9.52 4.48 -3.55
N PRO D 120 -9.87 4.68 -4.82
CA PRO D 120 -9.54 3.70 -5.84
C PRO D 120 -8.09 3.79 -6.28
N VAL D 121 -7.23 3.52 -5.31
CA VAL D 121 -5.82 3.30 -5.51
C VAL D 121 -5.63 1.93 -4.88
N GLY D 122 -5.07 0.99 -5.63
CA GLY D 122 -4.96 -0.36 -5.13
C GLY D 122 -4.07 -0.55 -3.92
N GLY D 123 -4.55 -1.35 -2.97
CA GLY D 123 -3.73 -1.74 -1.83
C GLY D 123 -4.23 -2.96 -1.09
N GLU D 124 -3.38 -3.60 -0.29
CA GLU D 124 -3.78 -4.68 0.52
C GLU D 124 -4.69 -3.98 1.46
N SER D 125 -5.78 -4.63 1.79
CA SER D 125 -6.79 -4.12 2.67
C SER D 125 -7.57 -2.92 2.24
N THR D 126 -7.98 -2.86 0.98
CA THR D 126 -8.84 -1.78 0.45
C THR D 126 -10.08 -2.32 -0.24
N HIS D 127 -11.17 -1.58 -0.13
CA HIS D 127 -12.35 -1.85 -0.89
C HIS D 127 -12.96 -0.52 -1.32
N ALA D 128 -12.69 -0.10 -2.55
CA ALA D 128 -13.30 1.09 -3.11
C ALA D 128 -14.65 0.71 -3.72
N VAL D 129 -15.67 1.57 -3.55
CA VAL D 129 -16.99 1.27 -4.04
C VAL D 129 -17.45 2.36 -4.97
N LEU D 130 -17.69 2.01 -6.23
CA LEU D 130 -18.10 2.97 -7.27
C LEU D 130 -19.51 2.69 -7.73
N THR D 131 -20.28 3.75 -7.92
CA THR D 131 -21.68 3.61 -8.27
C THR D 131 -22.06 4.51 -9.43
N ALA D 132 -23.05 4.08 -10.21
CA ALA D 132 -23.55 4.86 -11.35
C ALA D 132 -24.96 4.49 -11.74
N HIS D 133 -25.74 5.50 -12.18
CA HIS D 133 -27.14 5.36 -12.67
C HIS D 133 -27.28 4.42 -13.84
N ARG D 134 -28.42 3.76 -13.90
CA ARG D 134 -28.70 2.90 -15.01
C ARG D 134 -29.61 3.56 -16.02
N GLY D 135 -29.20 3.48 -17.27
CA GLY D 135 -30.04 3.87 -18.40
C GLY D 135 -30.57 5.30 -18.42
N LEU D 136 -29.67 6.28 -18.29
CA LEU D 136 -30.00 7.64 -18.67
C LEU D 136 -29.92 7.71 -20.19
N PRO D 137 -30.69 8.62 -20.82
CA PRO D 137 -30.81 8.60 -22.28
C PRO D 137 -29.61 9.26 -22.98
N THR D 138 -29.00 10.25 -22.30
CA THR D 138 -27.74 10.88 -22.73
C THR D 138 -26.57 9.88 -22.64
N ALA D 139 -26.33 9.29 -21.48
CA ALA D 139 -25.18 8.39 -21.28
C ALA D 139 -25.61 7.03 -20.72
N LYS D 140 -25.10 5.95 -21.32
CA LYS D 140 -25.52 4.60 -20.93
C LYS D 140 -25.13 4.28 -19.51
N LEU D 141 -23.92 4.70 -19.11
CA LEU D 141 -23.35 4.49 -17.77
C LEU D 141 -23.38 3.02 -17.34
N PHE D 142 -23.86 2.73 -16.13
CA PHE D 142 -23.85 1.36 -15.64
C PHE D 142 -25.08 0.61 -16.10
N THR D 143 -25.74 1.13 -17.11
CA THR D 143 -26.96 0.50 -17.60
C THR D 143 -26.78 -0.99 -17.87
N ASN D 144 -25.71 -1.35 -18.57
CA ASN D 144 -25.45 -2.76 -18.92
C ASN D 144 -24.61 -3.58 -17.94
N LEU D 145 -24.39 -3.06 -16.73
CA LEU D 145 -23.63 -3.77 -15.73
C LEU D 145 -24.11 -5.24 -15.49
N ASP D 146 -25.35 -5.53 -15.89
CA ASP D 146 -25.90 -6.85 -15.70
C ASP D 146 -25.26 -7.84 -16.65
N LYS D 147 -24.48 -7.33 -17.58
CA LYS D 147 -23.87 -8.16 -18.62
C LYS D 147 -22.44 -8.50 -18.28
N VAL D 148 -21.98 -8.02 -17.12
CA VAL D 148 -20.64 -8.33 -16.63
C VAL D 148 -20.69 -9.68 -15.90
N THR D 149 -19.61 -10.46 -16.03
CA THR D 149 -19.56 -11.83 -15.49
C THR D 149 -18.30 -12.04 -14.68
N VAL D 150 -18.37 -12.90 -13.66
CA VAL D 150 -17.18 -13.35 -12.96
C VAL D 150 -16.15 -13.85 -13.97
N GLY D 151 -14.91 -13.40 -13.86
CA GLY D 151 -13.92 -13.67 -14.88
C GLY D 151 -13.64 -12.47 -15.76
N ASP D 152 -14.66 -11.63 -16.00
CA ASP D 152 -14.42 -10.36 -16.71
C ASP D 152 -13.51 -9.46 -15.91
N ARG D 153 -12.73 -8.69 -16.65
CA ARG D 153 -11.77 -7.76 -16.09
C ARG D 153 -12.29 -6.31 -16.18
N PHE D 154 -11.83 -5.46 -15.26
CA PHE D 154 -11.99 -4.03 -15.39
C PHE D 154 -10.82 -3.28 -14.78
N TYR D 155 -10.70 -2.00 -15.10
CA TYR D 155 -9.45 -1.28 -14.89
C TYR D 155 -9.77 0.11 -14.37
N ILE D 156 -8.91 0.64 -13.52
CA ILE D 156 -9.11 1.97 -12.99
C ILE D 156 -7.85 2.72 -13.30
N GLU D 157 -8.01 3.88 -13.92
CA GLU D 157 -6.87 4.74 -14.16
C GLU D 157 -6.96 5.98 -13.28
N HIS D 158 -5.94 6.17 -12.48
CA HIS D 158 -5.86 7.30 -11.57
C HIS D 158 -4.49 8.04 -11.77
N ILE D 159 -4.25 9.14 -11.06
CA ILE D 159 -3.02 9.91 -11.26
C ILE D 159 -1.75 9.09 -11.28
N GLY D 160 -1.73 7.97 -10.55
CA GLY D 160 -0.51 7.20 -10.41
C GLY D 160 -0.35 6.16 -11.49
N GLY D 161 -1.45 5.84 -12.18
CA GLY D 161 -1.39 4.82 -13.23
C GLY D 161 -2.62 3.95 -13.41
N LYS D 162 -2.44 2.80 -14.05
CA LYS D 162 -3.54 1.90 -14.28
C LYS D 162 -3.42 0.68 -13.38
N ILE D 163 -4.54 0.29 -12.75
CA ILE D 163 -4.58 -0.93 -11.92
C ILE D 163 -5.72 -1.80 -12.39
N ALA D 164 -5.58 -3.12 -12.26
CA ALA D 164 -6.55 -4.05 -12.88
C ALA D 164 -7.35 -4.89 -11.90
N TYR D 165 -8.60 -5.19 -12.25
CA TYR D 165 -9.42 -6.03 -11.37
C TYR D 165 -10.06 -7.18 -12.10
N GLN D 166 -10.24 -8.33 -11.45
CA GLN D 166 -10.99 -9.45 -12.06
C GLN D 166 -12.24 -9.76 -11.25
N VAL D 167 -13.40 -9.69 -11.90
CA VAL D 167 -14.66 -9.78 -11.21
C VAL D 167 -14.69 -11.13 -10.52
N ASP D 168 -14.79 -11.13 -9.20
CA ASP D 168 -14.83 -12.41 -8.48
C ASP D 168 -16.15 -12.75 -7.80
N GLN D 169 -17.12 -11.82 -7.77
CA GLN D 169 -18.37 -12.08 -7.08
C GLN D 169 -19.46 -11.12 -7.60
N ILE D 170 -20.63 -11.64 -7.92
CA ILE D 170 -21.71 -10.77 -8.28
C ILE D 170 -22.81 -11.07 -7.31
N LYS D 171 -23.45 -10.06 -6.74
CA LYS D 171 -24.37 -10.30 -5.65
C LYS D 171 -25.51 -9.27 -5.64
N VAL D 172 -26.69 -9.71 -5.26
CA VAL D 172 -27.81 -8.82 -5.19
C VAL D 172 -28.23 -8.65 -3.73
N ILE D 173 -28.47 -7.43 -3.33
CA ILE D 173 -28.75 -7.16 -1.93
C ILE D 173 -29.89 -6.19 -1.79
N ALA D 174 -30.43 -6.10 -0.57
CA ALA D 174 -31.42 -5.07 -0.24
C ALA D 174 -30.73 -3.73 -0.05
N PRO D 175 -31.43 -2.62 -0.39
CA PRO D 175 -30.80 -1.30 -0.28
C PRO D 175 -30.29 -0.95 1.13
N ASP D 176 -30.80 -1.61 2.15
CA ASP D 176 -30.36 -1.31 3.51
C ASP D 176 -29.22 -2.23 4.02
N GLN D 177 -28.63 -3.00 3.13
CA GLN D 177 -27.58 -3.93 3.56
C GLN D 177 -26.21 -3.47 3.09
N LEU D 178 -25.28 -3.37 4.01
CA LEU D 178 -24.04 -2.76 3.63
C LEU D 178 -22.81 -3.59 3.99
N GLU D 179 -23.04 -4.79 4.55
CA GLU D 179 -21.94 -5.64 5.04
C GLU D 179 -20.90 -5.90 3.96
N ASP D 180 -21.38 -6.12 2.74
CA ASP D 180 -20.54 -6.47 1.62
C ASP D 180 -19.60 -5.34 1.20
N LEU D 181 -20.01 -4.12 1.53
CA LEU D 181 -19.31 -2.95 1.10
C LEU D 181 -18.11 -2.56 1.95
N TYR D 182 -17.87 -3.22 3.06
CA TYR D 182 -16.78 -2.82 3.95
C TYR D 182 -15.45 -3.42 3.54
N VAL D 183 -14.35 -2.91 4.11
CA VAL D 183 -13.04 -3.44 3.73
C VAL D 183 -12.90 -4.89 4.19
N ILE D 184 -12.24 -5.69 3.38
CA ILE D 184 -11.92 -7.06 3.73
C ILE D 184 -10.42 -7.07 3.91
N GLN D 185 -10.00 -7.27 5.15
CA GLN D 185 -8.61 -7.25 5.56
C GLN D 185 -7.76 -8.14 4.70
N GLY D 186 -6.60 -7.63 4.30
CA GLY D 186 -5.61 -8.43 3.57
C GLY D 186 -5.95 -8.55 2.12
N GLU D 187 -7.05 -7.93 1.69
CA GLU D 187 -7.56 -8.10 0.34
C GLU D 187 -7.79 -6.80 -0.41
N ASP D 188 -8.06 -6.88 -1.71
CA ASP D 188 -8.03 -5.69 -2.56
C ASP D 188 -9.22 -5.77 -3.51
N HIS D 189 -10.28 -5.07 -3.18
CA HIS D 189 -11.49 -5.14 -3.99
C HIS D 189 -12.03 -3.78 -4.43
N VAL D 190 -12.65 -3.75 -5.60
CA VAL D 190 -13.44 -2.59 -6.03
C VAL D 190 -14.81 -3.16 -6.33
N THR D 191 -15.87 -2.50 -5.87
CA THR D 191 -17.21 -2.93 -6.24
C THR D 191 -17.86 -1.89 -7.13
N LEU D 192 -18.51 -2.37 -8.19
CA LEU D 192 -19.28 -1.55 -9.09
C LEU D 192 -20.72 -1.76 -8.68
N LEU D 193 -21.33 -0.73 -8.10
CA LEU D 193 -22.66 -0.88 -7.53
C LEU D 193 -23.72 -0.10 -8.31
N THR D 194 -24.83 -0.76 -8.62
CA THR D 194 -25.93 -0.07 -9.26
C THR D 194 -27.25 -0.69 -8.80
N CYS D 195 -28.36 -0.25 -9.40
CA CYS D 195 -29.69 -0.64 -8.96
C CYS D 195 -30.16 -1.74 -9.86
N THR D 196 -31.01 -2.62 -9.32
CA THR D 196 -31.54 -3.77 -10.05
C THR D 196 -32.85 -4.27 -9.40
N PRO D 197 -33.69 -5.01 -10.16
CA PRO D 197 -33.67 -5.28 -11.60
C PRO D 197 -33.72 -4.00 -12.41
N TYR D 198 -33.35 -4.09 -13.68
CA TYR D 198 -33.41 -2.96 -14.61
C TYR D 198 -34.79 -2.35 -14.57
N MET D 199 -34.81 -1.03 -14.40
CA MET D 199 -36.05 -0.24 -14.42
C MET D 199 -37.02 -0.51 -13.25
N ILE D 200 -36.68 -1.47 -12.39
CA ILE D 200 -37.42 -1.68 -11.14
C ILE D 200 -36.67 -1.09 -9.94
N ASN D 201 -35.39 -1.38 -9.81
CA ASN D 201 -34.52 -0.75 -8.80
C ASN D 201 -34.92 -0.94 -7.35
N SER D 202 -35.53 -2.07 -7.02
CA SER D 202 -35.90 -2.44 -5.66
C SER D 202 -34.73 -2.93 -4.84
N HIS D 203 -33.64 -3.34 -5.52
CA HIS D 203 -32.41 -3.90 -4.88
C HIS D 203 -31.17 -3.28 -5.52
N ARG D 204 -29.99 -3.59 -4.99
CA ARG D 204 -28.73 -3.15 -5.61
C ARG D 204 -27.91 -4.31 -6.11
N LEU D 205 -27.25 -4.11 -7.24
CA LEU D 205 -26.41 -5.12 -7.85
C LEU D 205 -24.93 -4.81 -7.56
N LEU D 206 -24.21 -5.78 -7.03
CA LEU D 206 -22.79 -5.57 -6.71
C LEU D 206 -21.88 -6.45 -7.53
N VAL D 207 -21.03 -5.81 -8.32
CA VAL D 207 -20.10 -6.50 -9.19
C VAL D 207 -18.73 -6.27 -8.59
N ARG D 208 -18.20 -7.30 -7.95
CA ARG D 208 -16.94 -7.14 -7.25
C ARG D 208 -15.77 -7.66 -8.03
N GLY D 209 -14.73 -6.83 -8.12
CA GLY D 209 -13.43 -7.28 -8.63
C GLY D 209 -12.41 -7.54 -7.54
N LYS D 210 -11.43 -8.38 -7.85
CA LYS D 210 -10.27 -8.65 -6.99
C LYS D 210 -9.05 -8.12 -7.74
N ARG D 211 -8.08 -7.58 -7.03
CA ARG D 211 -6.92 -7.10 -7.73
C ARG D 211 -6.10 -8.20 -8.34
N ILE D 212 -5.64 -7.94 -9.54
CA ILE D 212 -4.81 -8.82 -10.27
C ILE D 212 -3.79 -7.95 -10.92
N PRO D 213 -2.69 -8.52 -11.31
CA PRO D 213 -1.58 -7.77 -11.88
C PRO D 213 -1.90 -7.21 -13.21
N TYR D 214 -1.30 -6.10 -13.58
CA TYR D 214 -1.57 -5.48 -14.86
C TYR D 214 -0.48 -5.88 -15.84
N VAL D 215 -0.90 -6.56 -16.89
CA VAL D 215 -0.02 -7.12 -17.88
C VAL D 215 0.13 -6.20 -19.08
N GLU D 216 -0.40 -5.01 -18.92
CA GLU D 216 -0.34 -4.03 -19.96
C GLU D 216 -1.40 -4.55 -20.86
N LYS D 217 -1.73 -3.81 -21.90
CA LYS D 217 -2.79 -4.25 -22.79
C LYS D 217 -2.33 -5.34 -23.71
N THR D 218 -3.29 -6.14 -24.12
CA THR D 218 -3.05 -7.25 -24.98
C THR D 218 -4.32 -8.09 -25.04
N HIS E 14 30.68 2.57 12.35
CA HIS E 14 30.48 2.16 10.92
C HIS E 14 31.42 1.02 10.53
N ALA E 15 30.97 0.18 9.58
CA ALA E 15 31.74 -0.95 9.08
C ALA E 15 33.18 -0.56 8.71
N ASN E 16 34.12 -1.41 9.09
CA ASN E 16 35.57 -1.13 9.15
C ASN E 16 35.93 -0.62 10.54
N ILE E 17 35.34 -1.27 11.54
CA ILE E 17 35.75 -1.13 12.93
C ILE E 17 36.90 -2.10 13.23
N ASN E 18 38.07 -1.52 13.55
CA ASN E 18 39.28 -2.26 13.91
C ASN E 18 39.30 -2.58 15.39
N ALA E 19 38.33 -2.02 16.12
CA ALA E 19 38.19 -2.22 17.55
C ALA E 19 38.06 -3.70 17.93
N PHE E 20 37.52 -4.51 17.01
CA PHE E 20 37.49 -5.96 17.19
C PHE E 20 38.92 -6.48 17.17
N LYS E 21 39.61 -6.29 16.04
CA LYS E 21 40.97 -6.79 15.86
C LYS E 21 41.87 -6.44 17.06
N GLU E 22 41.81 -5.18 17.49
CA GLU E 22 42.61 -4.68 18.61
C GLU E 22 42.25 -5.32 19.95
N ALA E 23 40.96 -5.33 20.29
CA ALA E 23 40.53 -5.89 21.57
C ALA E 23 40.81 -7.39 21.69
N VAL E 24 40.98 -8.06 20.56
CA VAL E 24 41.28 -9.48 20.57
C VAL E 24 42.67 -9.73 21.12
N THR E 25 43.67 -9.09 20.53
CA THR E 25 45.07 -9.31 20.89
C THR E 25 45.37 -9.12 22.38
N LYS E 26 44.57 -8.31 23.05
CA LYS E 26 44.78 -8.11 24.45
C LYS E 26 43.94 -9.03 25.32
N ILE E 27 43.41 -10.11 24.73
CA ILE E 27 42.71 -11.15 25.48
C ILE E 27 43.59 -12.40 25.63
N ASP E 28 43.95 -12.73 26.86
CA ASP E 28 44.77 -13.88 27.19
C ASP E 28 44.39 -15.12 26.40
N ARG E 29 45.38 -15.92 26.03
CA ARG E 29 45.18 -17.15 25.29
C ARG E 29 44.22 -18.14 25.98
N VAL E 30 44.38 -18.33 27.28
CA VAL E 30 43.55 -19.29 28.02
C VAL E 30 42.06 -18.85 28.07
N GLU E 31 41.86 -17.55 28.04
CA GLU E 31 40.53 -16.94 28.01
C GLU E 31 39.83 -17.14 26.65
N ILE E 32 40.49 -16.74 25.57
CA ILE E 32 39.97 -16.96 24.23
C ILE E 32 39.59 -18.42 24.13
N ASN E 33 40.46 -19.27 24.65
CA ASN E 33 40.26 -20.69 24.57
C ASN E 33 39.01 -21.16 25.24
N ARG E 34 38.74 -20.58 26.40
CA ARG E 34 37.57 -20.98 27.18
C ARG E 34 36.29 -20.49 26.51
N ARG E 35 36.32 -19.25 26.03
CA ARG E 35 35.20 -18.69 25.26
C ARG E 35 34.86 -19.60 24.07
N LEU E 36 35.88 -20.09 23.39
CA LEU E 36 35.67 -20.95 22.24
C LEU E 36 35.05 -22.29 22.61
N GLU E 37 35.52 -22.92 23.70
CA GLU E 37 34.92 -24.18 24.14
C GLU E 37 33.42 -24.03 24.37
N LEU E 38 32.95 -22.87 24.80
CA LEU E 38 31.51 -22.65 25.00
C LEU E 38 30.78 -22.57 23.67
N ALA E 39 31.36 -21.80 22.74
CA ALA E 39 30.85 -21.73 21.38
C ALA E 39 30.76 -23.13 20.75
N TYR E 40 31.78 -23.98 20.90
CA TYR E 40 31.71 -25.35 20.34
C TYR E 40 30.61 -26.17 21.01
N ALA E 41 30.44 -25.98 22.32
CA ALA E 41 29.50 -26.79 23.08
C ALA E 41 28.09 -26.41 22.70
N TYR E 42 27.92 -25.11 22.43
CA TYR E 42 26.66 -24.57 21.96
C TYR E 42 26.37 -25.18 20.59
N ASN E 43 27.36 -25.19 19.73
CA ASN E 43 27.20 -25.79 18.42
C ASN E 43 26.84 -27.27 18.52
N ALA E 44 27.52 -28.00 19.40
CA ALA E 44 27.24 -29.43 19.57
C ALA E 44 25.76 -29.71 19.87
N SER E 45 25.13 -28.83 20.63
CA SER E 45 23.75 -29.00 20.98
C SER E 45 22.86 -28.88 19.77
N ILE E 46 23.06 -27.81 19.00
CA ILE E 46 22.34 -27.60 17.75
C ILE E 46 22.53 -28.79 16.80
N ALA E 47 23.76 -29.29 16.71
CA ALA E 47 24.09 -30.41 15.84
C ALA E 47 23.24 -31.64 16.14
N GLY E 48 23.18 -32.04 17.41
CA GLY E 48 22.27 -33.08 17.87
C GLY E 48 20.86 -32.56 18.15
N ALA E 49 20.24 -31.92 17.15
CA ALA E 49 18.86 -31.42 17.25
C ALA E 49 17.84 -32.49 16.81
N LYS E 50 16.55 -32.12 16.79
CA LYS E 50 15.47 -33.05 16.42
C LYS E 50 14.31 -32.32 15.73
N ALA E 57 13.69 -24.35 16.35
CA ALA E 57 12.61 -23.93 15.46
C ALA E 57 13.00 -22.61 14.79
N LEU E 58 13.14 -22.64 13.47
CA LEU E 58 13.84 -21.53 12.80
C LEU E 58 13.04 -20.30 12.47
N LYS E 59 13.64 -19.14 12.58
CA LYS E 59 12.93 -17.93 12.18
C LYS E 59 13.32 -17.41 10.82
N ASP E 60 12.69 -16.32 10.42
CA ASP E 60 13.05 -15.57 9.25
C ASP E 60 13.25 -14.15 9.78
N PRO E 61 14.45 -13.63 9.67
CA PRO E 61 14.78 -12.36 10.29
C PRO E 61 13.92 -11.29 9.78
N TYR E 62 13.58 -11.38 8.52
CA TYR E 62 12.79 -10.35 7.91
C TYR E 62 11.32 -10.67 8.10
N SER E 63 11.05 -11.59 9.00
CA SER E 63 9.68 -12.01 9.26
C SER E 63 8.79 -10.86 9.71
N ALA E 64 9.28 -10.02 10.62
CA ALA E 64 8.46 -8.95 11.17
C ALA E 64 7.22 -9.54 11.80
N GLU E 65 7.43 -10.64 12.53
CA GLU E 65 6.37 -11.36 13.25
C GLU E 65 5.09 -10.54 13.44
N VAL E 72 20.96 -11.42 23.37
CA VAL E 72 20.30 -12.35 24.27
C VAL E 72 21.30 -13.14 25.10
N GLU E 73 22.56 -12.76 25.02
CA GLU E 73 23.55 -13.41 25.84
C GLU E 73 23.73 -14.76 25.21
N TYR E 74 23.05 -15.01 24.09
CA TYR E 74 23.13 -16.28 23.40
C TYR E 74 24.49 -16.58 22.87
N ALA E 75 25.17 -15.54 22.42
CA ALA E 75 26.51 -15.61 21.87
C ALA E 75 27.53 -14.76 22.59
N ARG E 76 27.38 -14.56 23.88
CA ARG E 76 28.30 -13.70 24.58
C ARG E 76 29.73 -14.16 24.53
N MET E 77 29.94 -15.45 24.68
CA MET E 77 31.28 -15.95 24.64
C MET E 77 32.07 -15.42 23.47
N LEU E 78 31.42 -15.23 22.35
CA LEU E 78 32.12 -14.79 21.14
C LEU E 78 32.13 -13.29 20.97
N GLU E 79 31.40 -12.58 21.82
CA GLU E 79 31.15 -11.16 21.65
C GLU E 79 32.29 -10.30 22.19
N VAL E 80 32.85 -9.48 21.32
CA VAL E 80 33.95 -8.59 21.69
C VAL E 80 33.73 -7.25 21.00
N LYS E 81 33.78 -6.16 21.76
CA LYS E 81 33.41 -4.82 21.28
C LYS E 81 32.10 -4.88 20.51
N GLU E 82 31.12 -5.57 21.11
CA GLU E 82 29.73 -5.66 20.61
C GLU E 82 29.46 -6.66 19.47
N GLN E 83 30.52 -7.24 18.92
CA GLN E 83 30.45 -8.01 17.68
C GLN E 83 31.07 -9.39 17.83
N ILE E 84 30.56 -10.37 17.09
CA ILE E 84 31.04 -11.75 17.23
C ILE E 84 32.05 -12.15 16.18
N GLY E 85 32.32 -11.22 15.27
CA GLY E 85 33.34 -11.37 14.25
C GLY E 85 33.11 -10.39 13.11
N HIS E 86 33.84 -10.56 12.03
CA HIS E 86 33.50 -9.86 10.82
C HIS E 86 33.65 -10.83 9.64
N VAL E 87 32.93 -10.55 8.57
CA VAL E 87 32.93 -11.43 7.42
C VAL E 87 33.53 -10.72 6.22
N ILE E 88 34.37 -11.42 5.46
CA ILE E 88 35.09 -10.79 4.38
C ILE E 88 34.81 -11.49 3.08
N ILE E 89 34.19 -10.77 2.16
CA ILE E 89 33.79 -11.33 0.90
C ILE E 89 34.51 -10.59 -0.21
N PRO E 90 35.73 -11.03 -0.57
CA PRO E 90 36.56 -10.31 -1.54
C PRO E 90 35.85 -9.94 -2.84
N ARG E 91 35.11 -10.85 -3.44
CA ARG E 91 34.40 -10.50 -4.68
C ARG E 91 33.67 -9.16 -4.65
N ILE E 92 32.86 -8.93 -3.63
CA ILE E 92 32.03 -7.74 -3.54
C ILE E 92 32.69 -6.61 -2.72
N ASN E 93 33.96 -6.81 -2.36
CA ASN E 93 34.75 -5.88 -1.54
C ASN E 93 33.91 -5.36 -0.38
N GLN E 94 33.50 -6.29 0.47
CA GLN E 94 32.85 -5.99 1.74
C GLN E 94 33.73 -6.58 2.81
N ASP E 95 33.88 -5.85 3.90
CA ASP E 95 34.32 -6.40 5.15
C ASP E 95 33.36 -5.84 6.20
N ILE E 96 32.46 -6.70 6.68
CA ILE E 96 31.31 -6.32 7.48
C ILE E 96 31.34 -7.01 8.84
N PRO E 97 31.07 -6.25 9.93
CA PRO E 97 30.97 -6.90 11.24
C PRO E 97 29.80 -7.83 11.30
N ILE E 98 29.83 -8.73 12.28
CA ILE E 98 28.71 -9.62 12.52
C ILE E 98 28.21 -9.42 13.94
N TYR E 99 26.89 -9.32 14.10
CA TYR E 99 26.27 -9.20 15.42
C TYR E 99 25.38 -10.37 15.78
N ALA E 100 25.37 -10.71 17.06
CA ALA E 100 24.45 -11.72 17.55
C ALA E 100 23.03 -11.29 17.28
N GLY E 101 22.16 -12.28 17.06
CA GLY E 101 20.73 -12.04 16.82
C GLY E 101 20.53 -11.48 15.44
N SER E 102 19.30 -11.17 15.08
CA SER E 102 19.00 -10.50 13.81
C SER E 102 18.13 -9.27 14.04
N ALA E 103 18.20 -8.74 15.27
CA ALA E 103 17.53 -7.49 15.63
C ALA E 103 17.81 -6.38 14.63
N GLU E 104 16.73 -5.67 14.30
CA GLU E 104 16.68 -4.62 13.30
C GLU E 104 17.69 -3.49 13.57
N GLU E 105 18.05 -3.32 14.84
CA GLU E 105 19.04 -2.31 15.31
C GLU E 105 20.45 -2.63 14.82
N ASN E 106 20.74 -3.94 14.75
CA ASN E 106 22.02 -4.47 14.28
C ASN E 106 22.04 -4.61 12.77
N LEU E 107 20.87 -4.87 12.20
CA LEU E 107 20.75 -5.04 10.75
C LEU E 107 20.94 -3.73 9.99
N GLN E 108 21.20 -2.63 10.72
CA GLN E 108 21.67 -1.37 10.12
C GLN E 108 23.17 -1.13 10.32
N ARG E 109 23.80 -1.84 11.27
CA ARG E 109 25.24 -1.71 11.60
C ARG E 109 26.14 -2.69 10.83
N GLY E 110 25.52 -3.78 10.37
CA GLY E 110 26.23 -4.83 9.63
C GLY E 110 25.46 -6.12 9.42
N VAL E 111 26.12 -7.24 9.66
CA VAL E 111 25.54 -8.55 9.43
C VAL E 111 25.04 -9.10 10.75
N GLY E 112 23.88 -9.75 10.72
CA GLY E 112 23.35 -10.36 11.92
C GLY E 112 23.30 -11.87 11.74
N HIS E 113 23.57 -12.60 12.83
CA HIS E 113 23.63 -14.05 12.82
C HIS E 113 22.28 -14.62 13.20
N LEU E 114 21.76 -15.59 12.45
CA LEU E 114 20.41 -16.05 12.68
C LEU E 114 20.34 -17.05 13.83
N GLU E 115 19.68 -16.63 14.90
CA GLU E 115 19.61 -17.41 16.11
C GLU E 115 18.90 -18.74 15.85
N GLY E 116 19.51 -19.82 16.31
CA GLY E 116 19.08 -21.19 15.97
C GLY E 116 20.09 -21.96 15.14
N THR E 117 20.94 -21.23 14.43
CA THR E 117 21.96 -21.84 13.61
C THR E 117 23.30 -21.81 14.36
N SER E 118 24.22 -22.69 13.96
CA SER E 118 25.58 -22.69 14.50
C SER E 118 26.22 -21.31 14.60
N LEU E 119 27.09 -21.16 15.60
CA LEU E 119 27.89 -19.95 15.75
C LEU E 119 29.05 -20.02 14.80
N PRO E 120 29.32 -18.91 14.11
CA PRO E 120 30.27 -18.95 13.00
C PRO E 120 31.71 -19.24 13.43
N VAL E 121 31.94 -20.43 14.01
CA VAL E 121 33.30 -20.84 14.36
C VAL E 121 33.68 -22.18 13.71
N GLY E 122 32.93 -22.58 12.68
CA GLY E 122 33.20 -23.82 11.97
C GLY E 122 33.19 -25.09 12.82
N GLY E 123 33.71 -26.16 12.26
CA GLY E 123 33.72 -27.44 12.96
C GLY E 123 32.82 -28.40 12.23
N GLU E 124 33.12 -29.68 12.34
CA GLU E 124 32.23 -30.69 11.81
C GLU E 124 30.81 -30.48 12.37
N SER E 125 29.82 -30.61 11.49
CA SER E 125 28.40 -30.53 11.82
C SER E 125 28.01 -29.15 12.29
N THR E 126 28.43 -28.12 11.55
CA THR E 126 27.98 -26.73 11.81
C THR E 126 27.38 -26.12 10.55
N HIS E 127 26.35 -25.29 10.74
CA HIS E 127 25.78 -24.45 9.68
C HIS E 127 25.33 -23.08 10.23
N ALA E 128 26.17 -22.06 10.05
CA ALA E 128 25.93 -20.74 10.57
C ALA E 128 25.35 -19.90 9.46
N VAL E 129 24.24 -19.21 9.73
CA VAL E 129 23.54 -18.46 8.70
C VAL E 129 23.67 -17.00 9.06
N LEU E 130 24.18 -16.21 8.12
CA LEU E 130 24.43 -14.80 8.36
C LEU E 130 23.60 -14.02 7.37
N THR E 131 22.95 -12.98 7.84
CA THR E 131 22.00 -12.29 7.04
C THR E 131 22.23 -10.78 7.10
N ALA E 132 21.79 -10.07 6.05
CA ALA E 132 21.96 -8.65 5.97
C ALA E 132 21.08 -8.03 4.89
N HIS E 133 20.56 -6.87 5.17
CA HIS E 133 19.66 -6.17 4.29
C HIS E 133 20.38 -5.93 3.01
N ARG E 134 19.69 -6.04 1.90
CA ARG E 134 20.37 -5.76 0.67
C ARG E 134 20.35 -4.35 0.26
N GLY E 135 21.44 -3.67 0.47
CA GLY E 135 21.51 -2.29 0.04
C GLY E 135 21.05 -1.73 1.32
N LEU E 136 21.41 -0.47 1.56
CA LEU E 136 20.96 0.28 2.71
C LEU E 136 21.49 1.64 2.29
N PRO E 137 20.76 2.68 2.61
CA PRO E 137 21.12 4.01 2.17
C PRO E 137 22.42 4.35 2.76
N THR E 138 22.60 3.91 3.98
CA THR E 138 23.87 4.11 4.65
C THR E 138 24.92 3.16 4.18
N ALA E 139 24.53 1.89 4.12
CA ALA E 139 25.47 0.81 3.84
C ALA E 139 25.11 -0.09 2.69
N LYS E 140 26.10 -0.40 1.87
CA LYS E 140 25.87 -1.28 0.76
C LYS E 140 25.50 -2.64 1.29
N LEU E 141 26.21 -3.13 2.29
CA LEU E 141 25.89 -4.41 2.87
C LEU E 141 25.91 -5.57 1.89
N PHE E 142 24.85 -6.37 1.85
CA PHE E 142 24.78 -7.55 1.00
C PHE E 142 24.10 -7.27 -0.28
N THR E 143 23.94 -6.01 -0.60
CA THR E 143 23.21 -5.60 -1.77
C THR E 143 23.79 -6.20 -3.05
N ASN E 144 25.07 -6.47 -3.08
CA ASN E 144 25.68 -7.08 -4.27
C ASN E 144 26.02 -8.56 -4.16
N LEU E 145 25.43 -9.20 -3.20
CA LEU E 145 25.59 -10.62 -2.92
C LEU E 145 25.25 -11.46 -4.14
N ASP E 146 24.44 -10.89 -5.03
CA ASP E 146 24.10 -11.52 -6.31
C ASP E 146 25.34 -11.74 -7.22
N LYS E 147 26.47 -11.12 -6.89
CA LYS E 147 27.63 -11.17 -7.81
C LYS E 147 28.70 -12.18 -7.37
N VAL E 148 28.48 -12.70 -6.16
CA VAL E 148 29.29 -13.79 -5.63
C VAL E 148 28.93 -15.00 -6.49
N THR E 149 29.88 -15.88 -6.69
CA THR E 149 29.73 -16.99 -7.62
C THR E 149 30.26 -18.23 -6.94
N VAL E 150 29.65 -19.37 -7.23
CA VAL E 150 30.19 -20.62 -6.72
C VAL E 150 31.65 -20.66 -7.11
N GLY E 151 32.53 -20.81 -6.14
CA GLY E 151 33.96 -20.89 -6.36
C GLY E 151 34.66 -19.76 -5.61
N ASP E 152 33.97 -18.61 -5.51
CA ASP E 152 34.44 -17.48 -4.73
C ASP E 152 34.56 -17.88 -3.29
N ARG E 153 35.57 -17.34 -2.60
CA ARG E 153 35.67 -17.59 -1.18
C ARG E 153 35.22 -16.42 -0.38
N PHE E 154 34.84 -16.71 0.87
CA PHE E 154 34.69 -15.71 1.88
C PHE E 154 35.37 -16.14 3.18
N TYR E 155 35.59 -15.20 4.09
CA TYR E 155 36.29 -15.51 5.33
C TYR E 155 35.60 -14.94 6.57
N ILE E 156 35.70 -15.66 7.68
CA ILE E 156 35.13 -15.21 8.94
C ILE E 156 36.26 -15.07 9.95
N GLU E 157 36.38 -13.90 10.57
CA GLU E 157 37.37 -13.71 11.61
C GLU E 157 36.65 -13.55 12.92
N HIS E 158 36.95 -14.44 13.85
CA HIS E 158 36.38 -14.41 15.18
C HIS E 158 37.53 -14.44 16.21
N ILE E 159 37.21 -14.39 17.51
CA ILE E 159 38.24 -14.39 18.55
C ILE E 159 39.32 -15.45 18.39
N GLY E 160 38.96 -16.56 17.75
CA GLY E 160 39.88 -17.68 17.64
C GLY E 160 40.80 -17.55 16.45
N GLY E 161 40.44 -16.67 15.52
CA GLY E 161 41.23 -16.46 14.32
C GLY E 161 40.39 -16.41 13.05
N LYS E 162 41.01 -16.78 11.93
CA LYS E 162 40.38 -16.62 10.65
C LYS E 162 40.06 -17.98 10.08
N ILE E 163 38.90 -18.15 9.47
CA ILE E 163 38.57 -19.44 8.88
C ILE E 163 37.95 -19.20 7.54
N ALA E 164 38.10 -20.15 6.61
CA ALA E 164 37.80 -19.88 5.21
C ALA E 164 36.65 -20.74 4.62
N TYR E 165 35.91 -20.19 3.65
CA TYR E 165 34.76 -20.91 3.06
C TYR E 165 34.73 -20.75 1.57
N GLN E 166 34.40 -21.82 0.86
CA GLN E 166 34.27 -21.66 -0.58
C GLN E 166 32.84 -21.86 -1.00
N VAL E 167 32.28 -20.90 -1.74
CA VAL E 167 30.87 -20.94 -2.10
C VAL E 167 30.56 -22.20 -2.93
N ASP E 168 29.67 -23.05 -2.44
CA ASP E 168 29.40 -24.30 -3.12
C ASP E 168 27.99 -24.46 -3.62
N GLN E 169 27.11 -23.52 -3.29
CA GLN E 169 25.70 -23.59 -3.70
C GLN E 169 25.03 -22.19 -3.58
N ILE E 170 24.39 -21.74 -4.65
CA ILE E 170 23.60 -20.53 -4.60
C ILE E 170 22.16 -20.94 -4.90
N LYS E 171 21.20 -20.53 -4.11
CA LYS E 171 19.85 -20.88 -4.48
C LYS E 171 18.86 -19.89 -3.96
N VAL E 172 17.65 -19.92 -4.53
CA VAL E 172 16.63 -18.93 -4.27
C VAL E 172 15.41 -19.63 -3.70
N ILE E 173 14.86 -19.05 -2.65
CA ILE E 173 13.78 -19.72 -1.95
C ILE E 173 12.69 -18.75 -1.54
N ALA E 174 11.53 -19.32 -1.23
CA ALA E 174 10.41 -18.61 -0.65
C ALA E 174 10.73 -18.34 0.85
N PRO E 175 10.17 -17.23 1.39
CA PRO E 175 10.43 -16.77 2.76
C PRO E 175 10.10 -17.79 3.82
N ASP E 176 9.14 -18.66 3.55
CA ASP E 176 8.76 -19.71 4.50
C ASP E 176 9.54 -21.04 4.37
N GLN E 177 10.56 -21.09 3.50
CA GLN E 177 11.41 -22.28 3.36
C GLN E 177 12.68 -22.25 4.23
N LEU E 178 12.81 -23.19 5.15
CA LEU E 178 13.96 -23.12 6.03
C LEU E 178 14.78 -24.39 6.01
N GLU E 179 14.31 -25.41 5.29
CA GLU E 179 15.02 -26.69 5.20
C GLU E 179 16.51 -26.49 4.86
N ASP E 180 16.76 -25.59 3.91
CA ASP E 180 18.11 -25.32 3.49
C ASP E 180 19.05 -24.78 4.56
N LEU E 181 18.51 -24.36 5.70
CA LEU E 181 19.24 -23.59 6.70
C LEU E 181 19.60 -24.39 7.92
N TYR E 182 19.22 -25.65 7.94
CA TYR E 182 19.51 -26.46 9.11
C TYR E 182 20.93 -27.04 9.05
N VAL E 183 21.39 -27.63 10.14
CA VAL E 183 22.71 -28.26 10.12
C VAL E 183 22.74 -29.49 9.22
N ILE E 184 23.81 -29.63 8.44
CA ILE E 184 24.02 -30.81 7.64
C ILE E 184 25.16 -31.55 8.31
N GLN E 185 24.82 -32.71 8.88
CA GLN E 185 25.75 -33.53 9.67
C GLN E 185 27.02 -33.81 8.93
N GLY E 186 28.12 -33.91 9.67
CA GLY E 186 29.42 -34.15 9.06
C GLY E 186 29.91 -33.06 8.12
N GLU E 187 29.23 -31.92 8.07
CA GLU E 187 29.63 -30.86 7.14
C GLU E 187 29.79 -29.48 7.78
N ASP E 188 30.58 -28.62 7.15
CA ASP E 188 30.90 -27.31 7.73
C ASP E 188 30.42 -26.20 6.80
N HIS E 189 29.31 -25.55 7.12
CA HIS E 189 28.78 -24.54 6.21
C HIS E 189 28.49 -23.19 6.87
N VAL E 190 28.58 -22.14 6.06
CA VAL E 190 28.04 -20.84 6.41
C VAL E 190 27.18 -20.40 5.20
N THR E 191 25.97 -19.92 5.49
CA THR E 191 25.14 -19.32 4.46
C THR E 191 25.06 -17.81 4.73
N LEU E 192 25.19 -17.06 3.65
CA LEU E 192 24.93 -15.65 3.65
C LEU E 192 23.56 -15.41 3.00
N LEU E 193 22.63 -14.94 3.80
CA LEU E 193 21.27 -14.87 3.37
C LEU E 193 20.86 -13.42 3.13
N THR E 194 20.15 -13.15 2.04
CA THR E 194 19.56 -11.82 1.81
C THR E 194 18.30 -11.94 0.99
N CYS E 195 17.65 -10.80 0.70
CA CYS E 195 16.41 -10.77 -0.08
C CYS E 195 16.72 -10.62 -1.58
N THR E 196 15.80 -11.12 -2.41
CA THR E 196 15.93 -11.12 -3.88
C THR E 196 14.57 -11.23 -4.54
N PRO E 197 14.42 -10.81 -5.81
CA PRO E 197 15.36 -10.04 -6.59
C PRO E 197 15.55 -8.67 -5.99
N TYR E 198 16.60 -8.00 -6.45
CA TYR E 198 16.96 -6.68 -5.98
C TYR E 198 15.72 -5.81 -5.99
N MET E 199 15.49 -5.08 -4.91
CA MET E 199 14.43 -4.07 -4.89
C MET E 199 12.98 -4.62 -4.90
N ILE E 200 12.84 -5.93 -5.05
CA ILE E 200 11.53 -6.57 -5.07
C ILE E 200 11.36 -7.41 -3.81
N ASN E 201 12.40 -8.13 -3.43
CA ASN E 201 12.48 -8.80 -2.13
C ASN E 201 11.39 -9.85 -1.86
N SER E 202 10.79 -10.40 -2.91
CA SER E 202 9.76 -11.43 -2.79
C SER E 202 10.28 -12.76 -2.26
N HIS E 203 11.53 -13.10 -2.60
CA HIS E 203 12.15 -14.37 -2.24
C HIS E 203 13.47 -14.16 -1.45
N ARG E 204 14.12 -15.23 -1.00
CA ARG E 204 15.43 -15.08 -0.35
C ARG E 204 16.55 -15.70 -1.19
N LEU E 205 17.71 -15.05 -1.19
CA LEU E 205 18.92 -15.55 -1.87
C LEU E 205 19.88 -16.18 -0.88
N LEU E 206 20.35 -17.39 -1.14
CA LEU E 206 21.21 -18.05 -0.14
C LEU E 206 22.53 -18.45 -0.77
N VAL E 207 23.56 -17.70 -0.44
CA VAL E 207 24.90 -18.10 -0.86
C VAL E 207 25.54 -19.00 0.21
N ARG E 208 25.73 -20.27 -0.12
CA ARG E 208 26.36 -21.19 0.83
C ARG E 208 27.80 -21.51 0.43
N GLY E 209 28.68 -21.49 1.44
CA GLY E 209 30.09 -21.88 1.34
C GLY E 209 30.36 -23.14 2.15
N LYS E 210 31.34 -23.93 1.66
CA LYS E 210 31.89 -25.12 2.34
C LYS E 210 33.22 -24.73 2.94
N ARG E 211 33.49 -25.21 4.15
CA ARG E 211 34.78 -25.00 4.79
C ARG E 211 35.91 -25.53 3.94
N ILE E 212 36.99 -24.77 3.92
CA ILE E 212 38.22 -25.10 3.24
C ILE E 212 39.38 -24.78 4.18
N PRO E 213 40.51 -25.48 4.04
CA PRO E 213 41.73 -25.11 4.73
C PRO E 213 42.05 -23.63 4.55
N TYR E 214 42.55 -22.98 5.57
CA TYR E 214 42.85 -21.59 5.43
C TYR E 214 44.30 -21.59 5.16
N VAL E 215 44.61 -21.33 3.90
CA VAL E 215 45.95 -21.29 3.39
C VAL E 215 46.13 -19.82 3.18
N GLU E 216 47.23 -19.27 3.66
CA GLU E 216 47.43 -17.84 3.61
C GLU E 216 47.57 -17.11 2.28
N LYS E 217 48.25 -17.64 1.29
CA LYS E 217 48.38 -16.81 0.13
C LYS E 217 46.99 -16.51 -0.42
N THR E 218 46.71 -15.23 -0.62
CA THR E 218 45.42 -14.80 -1.11
C THR E 218 45.50 -13.41 -1.74
N ILE F 17 20.46 -26.33 -36.25
CA ILE F 17 19.61 -27.16 -37.15
C ILE F 17 18.10 -26.81 -36.98
N ASN F 18 17.51 -26.32 -38.09
CA ASN F 18 16.09 -25.98 -38.19
C ASN F 18 15.26 -27.18 -38.60
N ALA F 19 15.95 -28.24 -39.03
CA ALA F 19 15.30 -29.48 -39.46
C ALA F 19 14.37 -30.07 -38.40
N PHE F 20 14.64 -29.76 -37.12
CA PHE F 20 13.73 -30.12 -36.03
C PHE F 20 12.43 -29.33 -36.18
N LYS F 21 12.53 -27.99 -36.10
CA LYS F 21 11.36 -27.12 -36.19
C LYS F 21 10.46 -27.46 -37.39
N GLU F 22 11.09 -27.65 -38.56
CA GLU F 22 10.40 -28.02 -39.79
C GLU F 22 9.71 -29.38 -39.71
N ALA F 23 10.46 -30.43 -39.38
CA ALA F 23 9.90 -31.77 -39.34
C ALA F 23 8.76 -31.90 -38.34
N VAL F 24 8.69 -30.98 -37.39
CA VAL F 24 7.65 -31.03 -36.39
C VAL F 24 6.31 -30.67 -36.99
N THR F 25 6.26 -29.55 -37.71
CA THR F 25 5.01 -29.01 -38.25
C THR F 25 4.32 -29.98 -39.20
N LYS F 26 5.11 -30.86 -39.81
CA LYS F 26 4.58 -31.90 -40.69
C LYS F 26 4.22 -33.22 -39.97
N ILE F 27 4.07 -33.17 -38.66
CA ILE F 27 3.63 -34.34 -37.90
C ILE F 27 2.24 -34.07 -37.35
N ASP F 28 1.29 -34.87 -37.81
CA ASP F 28 -0.11 -34.80 -37.37
C ASP F 28 -0.27 -34.58 -35.85
N ARG F 29 -1.24 -33.76 -35.47
CA ARG F 29 -1.52 -33.46 -34.06
C ARG F 29 -1.76 -34.72 -33.22
N VAL F 30 -2.57 -35.66 -33.70
CA VAL F 30 -2.89 -36.88 -32.94
C VAL F 30 -1.64 -37.73 -32.70
N GLU F 31 -0.70 -37.62 -33.62
CA GLU F 31 0.56 -38.37 -33.54
C GLU F 31 1.47 -37.76 -32.47
N ILE F 32 1.78 -36.47 -32.61
CA ILE F 32 2.55 -35.75 -31.60
C ILE F 32 2.00 -36.12 -30.23
N ASN F 33 0.68 -36.08 -30.13
CA ASN F 33 -0.01 -36.36 -28.91
C ASN F 33 0.28 -37.74 -28.34
N ARG F 34 0.31 -38.74 -29.20
CA ARG F 34 0.50 -40.10 -28.73
C ARG F 34 1.92 -40.35 -28.24
N ARG F 35 2.89 -39.72 -28.93
CA ARG F 35 4.29 -39.79 -28.52
C ARG F 35 4.38 -39.19 -27.09
N LEU F 36 3.84 -37.98 -26.94
CA LEU F 36 3.94 -37.30 -25.69
C LEU F 36 3.41 -38.20 -24.58
N GLU F 37 2.26 -38.85 -24.78
CA GLU F 37 1.72 -39.72 -23.72
C GLU F 37 2.70 -40.84 -23.35
N LEU F 38 3.52 -41.29 -24.29
CA LEU F 38 4.56 -42.26 -23.94
C LEU F 38 5.67 -41.62 -23.11
N ALA F 39 6.15 -40.44 -23.55
CA ALA F 39 7.09 -39.62 -22.75
C ALA F 39 6.62 -39.39 -21.29
N TYR F 40 5.36 -39.00 -21.09
CA TYR F 40 4.82 -38.80 -19.73
C TYR F 40 4.87 -40.12 -18.96
N ALA F 41 4.38 -41.20 -19.58
CA ALA F 41 4.30 -42.51 -18.96
C ALA F 41 5.68 -42.97 -18.47
N TYR F 42 6.66 -42.75 -19.33
CA TYR F 42 8.06 -42.99 -19.02
C TYR F 42 8.44 -42.20 -17.78
N ASN F 43 8.06 -40.91 -17.78
CA ASN F 43 8.37 -40.06 -16.66
C ASN F 43 7.71 -40.55 -15.38
N ALA F 44 6.45 -40.96 -15.48
CA ALA F 44 5.72 -41.41 -14.29
C ALA F 44 6.43 -42.56 -13.57
N SER F 45 7.13 -43.39 -14.33
CA SER F 45 7.76 -44.55 -13.77
C SER F 45 8.95 -44.10 -12.96
N ILE F 46 9.77 -43.28 -13.54
CA ILE F 46 10.99 -42.84 -12.93
C ILE F 46 10.65 -42.17 -11.66
N ALA F 47 9.60 -41.40 -11.67
CA ALA F 47 9.23 -40.66 -10.50
C ALA F 47 8.90 -41.60 -9.38
N GLY F 48 8.26 -42.70 -9.68
CA GLY F 48 7.89 -43.62 -8.65
C GLY F 48 8.98 -44.62 -8.37
N ALA F 49 10.08 -44.55 -9.07
CA ALA F 49 11.12 -45.50 -8.80
C ALA F 49 11.56 -45.28 -7.39
N LYS F 50 11.77 -46.35 -6.64
CA LYS F 50 12.16 -46.19 -5.24
C LYS F 50 13.64 -46.38 -4.89
N THR F 51 14.31 -47.40 -5.41
CA THR F 51 15.71 -47.56 -5.06
C THR F 51 16.21 -48.98 -5.11
N PRO F 56 16.28 -46.61 -12.04
CA PRO F 56 17.26 -45.52 -11.99
C PRO F 56 18.37 -45.74 -10.96
N ALA F 57 19.46 -46.33 -11.40
CA ALA F 57 20.76 -46.25 -10.73
C ALA F 57 21.59 -45.31 -11.61
N LEU F 58 21.98 -44.15 -11.07
CA LEU F 58 22.45 -43.09 -11.96
C LEU F 58 23.89 -43.20 -12.41
N LYS F 59 24.09 -43.16 -13.73
CA LYS F 59 25.42 -43.11 -14.31
C LYS F 59 26.01 -41.70 -14.12
N ASP F 60 27.25 -41.50 -14.57
CA ASP F 60 27.80 -40.16 -14.67
C ASP F 60 28.33 -40.09 -16.11
N PRO F 61 27.81 -39.14 -16.91
CA PRO F 61 28.07 -39.06 -18.34
C PRO F 61 29.56 -39.08 -18.69
N TYR F 62 30.39 -38.71 -17.71
CA TYR F 62 31.84 -38.66 -17.89
C TYR F 62 32.54 -39.66 -16.97
N VAL F 72 19.82 -43.89 -27.40
CA VAL F 72 19.78 -45.28 -27.80
C VAL F 72 18.46 -45.95 -27.59
N GLU F 73 17.39 -45.36 -28.07
CA GLU F 73 16.13 -46.06 -28.02
C GLU F 73 15.27 -45.80 -26.82
N TYR F 74 15.85 -45.30 -25.76
CA TYR F 74 15.08 -45.02 -24.56
C TYR F 74 14.06 -43.93 -24.75
N ALA F 75 14.41 -42.95 -25.56
CA ALA F 75 13.59 -41.80 -25.82
C ALA F 75 13.15 -41.71 -27.25
N ARG F 76 12.96 -42.83 -27.90
CA ARG F 76 12.63 -42.77 -29.31
C ARG F 76 11.37 -42.03 -29.59
N MET F 77 10.44 -42.00 -28.66
CA MET F 77 9.18 -41.33 -28.92
C MET F 77 9.34 -39.87 -29.22
N LEU F 78 10.25 -39.19 -28.55
CA LEU F 78 10.45 -37.76 -28.77
C LEU F 78 11.44 -37.42 -29.84
N GLU F 79 12.04 -38.40 -30.42
CA GLU F 79 13.14 -38.21 -31.34
C GLU F 79 12.61 -37.81 -32.71
N VAL F 80 13.10 -36.68 -33.21
CA VAL F 80 12.70 -36.17 -34.52
C VAL F 80 13.95 -35.61 -35.22
N LYS F 81 14.21 -36.14 -36.41
CA LYS F 81 15.53 -35.96 -37.05
C LYS F 81 16.67 -36.22 -36.02
N GLU F 82 16.52 -37.34 -35.31
CA GLU F 82 17.48 -37.90 -34.33
C GLU F 82 17.79 -37.04 -33.05
N GLN F 83 17.05 -35.94 -32.87
CA GLN F 83 17.21 -35.06 -31.70
C GLN F 83 15.90 -34.97 -30.93
N ILE F 84 15.94 -34.86 -29.60
CA ILE F 84 14.70 -34.86 -28.79
C ILE F 84 14.16 -33.48 -28.48
N GLY F 85 14.90 -32.46 -28.90
CA GLY F 85 14.47 -31.09 -28.77
C GLY F 85 15.69 -30.20 -28.87
N HIS F 86 15.51 -28.92 -28.56
CA HIS F 86 16.67 -28.07 -28.38
C HIS F 86 16.50 -27.21 -27.11
N VAL F 87 17.61 -26.76 -26.55
CA VAL F 87 17.59 -25.93 -25.35
C VAL F 87 18.11 -24.52 -25.69
N ILE F 88 17.52 -23.51 -25.08
CA ILE F 88 17.83 -22.13 -25.44
C ILE F 88 18.13 -21.35 -24.19
N ILE F 89 19.34 -20.86 -24.06
CA ILE F 89 19.77 -20.24 -22.83
C ILE F 89 20.17 -18.82 -23.19
N PRO F 90 19.19 -17.91 -23.21
CA PRO F 90 19.47 -16.55 -23.70
C PRO F 90 20.72 -15.91 -23.11
N ARG F 91 20.92 -15.96 -21.80
CA ARG F 91 22.14 -15.37 -21.22
C ARG F 91 23.42 -15.70 -21.98
N ILE F 92 23.72 -16.97 -22.22
CA ILE F 92 25.01 -17.36 -22.89
C ILE F 92 24.87 -17.50 -24.41
N ASN F 93 23.70 -17.08 -24.89
CA ASN F 93 23.38 -16.99 -26.31
C ASN F 93 23.63 -18.32 -27.04
N GLN F 94 23.21 -19.41 -26.41
CA GLN F 94 23.26 -20.74 -27.02
C GLN F 94 21.85 -21.10 -27.47
N ASP F 95 21.79 -21.88 -28.54
CA ASP F 95 20.60 -22.64 -28.88
C ASP F 95 21.15 -23.94 -29.42
N ILE F 96 21.03 -25.01 -28.63
CA ILE F 96 21.75 -26.26 -28.82
C ILE F 96 20.76 -27.42 -28.90
N PRO F 97 20.92 -28.33 -29.87
CA PRO F 97 20.05 -29.51 -29.88
C PRO F 97 20.34 -30.44 -28.71
N ILE F 98 19.38 -31.31 -28.42
CA ILE F 98 19.50 -32.25 -27.33
C ILE F 98 19.35 -33.63 -27.91
N TYR F 99 20.27 -34.55 -27.55
CA TYR F 99 20.22 -35.95 -28.01
C TYR F 99 19.96 -36.91 -26.87
N ALA F 100 19.22 -37.96 -27.14
CA ALA F 100 19.07 -39.04 -26.18
C ALA F 100 20.45 -39.59 -25.81
N GLY F 101 20.56 -40.19 -24.62
CA GLY F 101 21.81 -40.79 -24.14
C GLY F 101 22.83 -39.70 -23.91
N SER F 102 24.02 -40.08 -23.46
CA SER F 102 25.10 -39.12 -23.26
C SER F 102 26.32 -39.60 -24.01
N ALA F 103 26.07 -40.43 -25.02
CA ALA F 103 27.12 -41.03 -25.86
C ALA F 103 28.02 -39.94 -26.42
N GLU F 104 29.31 -40.27 -26.44
CA GLU F 104 30.40 -39.35 -26.72
C GLU F 104 30.36 -38.73 -28.14
N GLU F 105 29.76 -39.43 -29.10
CA GLU F 105 29.65 -38.90 -30.46
C GLU F 105 28.62 -37.77 -30.50
N ASN F 106 27.52 -37.92 -29.75
CA ASN F 106 26.48 -36.89 -29.56
C ASN F 106 27.00 -35.69 -28.76
N LEU F 107 27.85 -35.97 -27.78
CA LEU F 107 28.42 -34.93 -26.92
C LEU F 107 29.34 -33.95 -27.68
N GLN F 108 29.38 -34.02 -29.01
CA GLN F 108 30.08 -33.01 -29.82
C GLN F 108 29.12 -32.33 -30.78
N ARG F 109 27.99 -33.00 -31.05
CA ARG F 109 26.90 -32.41 -31.86
C ARG F 109 25.98 -31.48 -31.05
N GLY F 110 25.96 -31.67 -29.72
CA GLY F 110 25.25 -30.77 -28.81
C GLY F 110 25.12 -31.22 -27.36
N VAL F 111 23.90 -31.22 -26.88
CA VAL F 111 23.61 -31.55 -25.50
C VAL F 111 23.09 -32.96 -25.49
N GLY F 112 23.46 -33.71 -24.46
CA GLY F 112 23.00 -35.09 -24.28
C GLY F 112 22.22 -35.22 -22.98
N HIS F 113 21.17 -36.03 -22.99
CA HIS F 113 20.26 -36.16 -21.87
C HIS F 113 20.68 -37.36 -21.05
N LEU F 114 20.76 -37.19 -19.75
CA LEU F 114 21.28 -38.25 -18.92
C LEU F 114 20.23 -39.34 -18.63
N GLU F 115 20.46 -40.51 -19.22
CA GLU F 115 19.56 -41.65 -19.08
C GLU F 115 19.35 -42.04 -17.62
N GLY F 116 18.09 -42.07 -17.20
CA GLY F 116 17.77 -42.33 -15.81
C GLY F 116 16.99 -41.20 -15.21
N THR F 117 17.18 -40.00 -15.75
CA THR F 117 16.41 -38.83 -15.35
C THR F 117 15.25 -38.57 -16.31
N SER F 118 14.25 -37.83 -15.84
CA SER F 118 13.06 -37.50 -16.64
C SER F 118 13.34 -37.03 -18.06
N LEU F 119 12.37 -37.28 -18.92
CA LEU F 119 12.47 -36.75 -20.26
C LEU F 119 12.06 -35.27 -20.25
N PRO F 120 12.84 -34.42 -20.94
CA PRO F 120 12.65 -32.98 -20.82
C PRO F 120 11.32 -32.48 -21.41
N VAL F 121 10.19 -32.96 -20.87
CA VAL F 121 8.86 -32.48 -21.26
C VAL F 121 8.07 -31.91 -20.06
N GLY F 122 8.76 -31.78 -18.93
CA GLY F 122 8.19 -31.18 -17.72
C GLY F 122 7.04 -31.98 -17.16
N GLY F 123 6.19 -31.31 -16.37
CA GLY F 123 5.14 -31.99 -15.64
C GLY F 123 5.55 -32.14 -14.18
N GLU F 124 4.53 -32.22 -13.31
CA GLU F 124 4.74 -32.49 -11.90
C GLU F 124 5.56 -33.77 -11.68
N SER F 125 6.51 -33.66 -10.75
CA SER F 125 7.44 -34.71 -10.39
C SER F 125 8.35 -35.12 -11.50
N THR F 126 8.96 -34.14 -12.19
CA THR F 126 10.02 -34.41 -13.17
C THR F 126 11.37 -33.74 -12.83
N HIS F 127 12.47 -34.40 -13.19
CA HIS F 127 13.79 -33.82 -13.15
C HIS F 127 14.66 -34.35 -14.31
N ALA F 128 14.75 -33.57 -15.37
CA ALA F 128 15.50 -33.96 -16.55
C ALA F 128 16.89 -33.34 -16.41
N VAL F 129 17.94 -34.09 -16.72
CA VAL F 129 19.27 -33.60 -16.52
C VAL F 129 19.95 -33.58 -17.85
N LEU F 130 20.36 -32.41 -18.29
CA LEU F 130 21.02 -32.26 -19.60
C LEU F 130 22.48 -31.93 -19.38
N THR F 131 23.32 -32.49 -20.22
CA THR F 131 24.76 -32.28 -20.06
C THR F 131 25.46 -31.95 -21.36
N ALA F 132 26.60 -31.27 -21.25
CA ALA F 132 27.40 -30.93 -22.42
C ALA F 132 28.81 -30.51 -22.06
N HIS F 133 29.74 -30.75 -23.00
CA HIS F 133 31.17 -30.46 -22.86
C HIS F 133 31.44 -28.99 -22.78
N ARG F 134 32.51 -28.60 -22.15
CA ARG F 134 32.90 -27.23 -22.22
C ARG F 134 34.18 -27.04 -22.99
N GLY F 135 34.28 -25.94 -23.69
CA GLY F 135 35.51 -25.60 -24.36
C GLY F 135 35.94 -26.01 -25.75
N LEU F 136 35.13 -26.70 -26.52
CA LEU F 136 35.54 -27.04 -27.87
C LEU F 136 35.57 -25.79 -28.70
N PRO F 137 36.55 -25.68 -29.57
CA PRO F 137 36.67 -24.54 -30.47
C PRO F 137 35.55 -24.48 -31.46
N THR F 138 35.17 -25.61 -32.01
CA THR F 138 34.13 -25.60 -32.97
C THR F 138 32.81 -25.17 -32.40
N ALA F 139 32.47 -25.67 -31.23
CA ALA F 139 31.20 -25.32 -30.64
C ALA F 139 31.39 -24.78 -29.27
N LYS F 140 30.79 -23.64 -28.98
CA LYS F 140 30.90 -23.11 -27.66
C LYS F 140 30.24 -23.98 -26.63
N LEU F 141 29.07 -24.50 -26.94
CA LEU F 141 28.35 -25.40 -26.05
C LEU F 141 28.11 -24.86 -24.66
N PHE F 142 28.44 -25.64 -23.66
CA PHE F 142 28.19 -25.26 -22.29
C PHE F 142 29.39 -24.60 -21.71
N THR F 143 30.24 -24.12 -22.57
CA THR F 143 31.47 -23.50 -22.13
C THR F 143 31.22 -22.35 -21.15
N ASN F 144 30.19 -21.55 -21.42
CA ASN F 144 29.94 -20.37 -20.59
C ASN F 144 28.88 -20.52 -19.52
N LEU F 145 28.50 -21.78 -19.26
CA LEU F 145 27.45 -22.08 -18.29
C LEU F 145 27.69 -21.39 -16.94
N ASP F 146 28.96 -21.02 -16.68
CA ASP F 146 29.36 -20.36 -15.48
C ASP F 146 28.86 -18.92 -15.42
N LYS F 147 28.35 -18.43 -16.54
CA LYS F 147 27.84 -17.06 -16.58
C LYS F 147 26.34 -16.99 -16.34
N VAL F 148 25.68 -18.15 -16.28
CA VAL F 148 24.24 -18.24 -16.02
C VAL F 148 24.06 -17.96 -14.55
N THR F 149 22.99 -17.27 -14.19
CA THR F 149 22.77 -16.83 -12.81
C THR F 149 21.38 -17.24 -12.36
N VAL F 150 21.21 -17.55 -11.07
CA VAL F 150 19.86 -17.75 -10.54
C VAL F 150 18.98 -16.55 -10.92
N GLY F 151 17.90 -16.81 -11.64
CA GLY F 151 17.04 -15.74 -12.12
C GLY F 151 16.95 -15.72 -13.63
N ASP F 152 18.03 -16.11 -14.29
CA ASP F 152 18.02 -16.29 -15.73
C ASP F 152 17.07 -17.43 -16.07
N ARG F 153 16.44 -17.28 -17.23
CA ARG F 153 15.60 -18.30 -17.82
C ARG F 153 16.33 -19.13 -18.89
N PHE F 154 15.84 -20.36 -19.09
CA PHE F 154 16.18 -21.11 -20.27
C PHE F 154 14.94 -21.84 -20.76
N TYR F 155 14.99 -22.39 -21.97
CA TYR F 155 13.77 -22.89 -22.60
C TYR F 155 14.06 -24.19 -23.30
N ILE F 156 13.11 -25.12 -23.26
CA ILE F 156 13.22 -26.38 -23.97
C ILE F 156 12.10 -26.46 -25.01
N GLU F 157 12.48 -26.67 -26.27
CA GLU F 157 11.49 -26.88 -27.32
C GLU F 157 11.55 -28.32 -27.72
N HIS F 158 10.42 -29.00 -27.59
CA HIS F 158 10.33 -30.41 -27.96
C HIS F 158 9.10 -30.60 -28.87
N ILE F 159 8.84 -31.80 -29.38
CA ILE F 159 7.67 -32.00 -30.26
C ILE F 159 6.34 -31.36 -29.82
N GLY F 160 6.12 -31.23 -28.52
CA GLY F 160 4.85 -30.76 -28.05
C GLY F 160 4.81 -29.26 -28.03
N GLY F 161 5.97 -28.63 -28.03
CA GLY F 161 6.05 -27.18 -27.98
C GLY F 161 7.20 -26.67 -27.15
N LYS F 162 7.08 -25.43 -26.67
CA LYS F 162 8.13 -24.78 -25.95
C LYS F 162 7.75 -24.69 -24.46
N ILE F 163 8.71 -24.97 -23.57
CA ILE F 163 8.44 -24.86 -22.11
C ILE F 163 9.54 -24.09 -21.45
N ALA F 164 9.22 -23.38 -20.37
CA ALA F 164 10.17 -22.42 -19.78
C ALA F 164 10.73 -22.81 -18.40
N TYR F 165 11.99 -22.48 -18.16
CA TYR F 165 12.59 -22.71 -16.83
C TYR F 165 13.25 -21.47 -16.23
N GLN F 166 13.19 -21.31 -14.90
CA GLN F 166 13.95 -20.24 -14.24
C GLN F 166 14.98 -20.79 -13.26
N VAL F 167 16.24 -20.41 -13.43
CA VAL F 167 17.31 -21.02 -12.69
C VAL F 167 17.06 -20.70 -11.25
N ASP F 168 16.97 -21.74 -10.43
CA ASP F 168 16.69 -21.54 -9.01
C ASP F 168 17.81 -22.00 -8.09
N GLN F 169 18.81 -22.72 -8.61
CA GLN F 169 19.89 -23.20 -7.78
C GLN F 169 21.12 -23.48 -8.65
N ILE F 170 22.30 -23.06 -8.21
CA ILE F 170 23.52 -23.39 -8.88
C ILE F 170 24.33 -24.04 -7.79
N LYS F 171 24.89 -25.22 -8.04
CA LYS F 171 25.84 -25.77 -7.08
C LYS F 171 26.94 -26.62 -7.67
N VAL F 172 27.97 -26.83 -6.88
CA VAL F 172 29.11 -27.57 -7.32
C VAL F 172 29.22 -28.85 -6.51
N ILE F 173 29.54 -29.96 -7.16
CA ILE F 173 29.56 -31.24 -6.47
C ILE F 173 30.68 -32.12 -6.95
N ALA F 174 30.98 -33.15 -6.17
CA ALA F 174 32.01 -34.12 -6.58
C ALA F 174 31.44 -35.05 -7.65
N PRO F 175 32.31 -35.63 -8.51
CA PRO F 175 31.83 -36.47 -9.60
C PRO F 175 30.98 -37.68 -9.17
N ASP F 176 31.18 -38.16 -7.95
CA ASP F 176 30.42 -39.28 -7.43
C ASP F 176 29.17 -38.89 -6.60
N GLN F 177 28.76 -37.63 -6.68
CA GLN F 177 27.55 -37.15 -6.00
C GLN F 177 26.35 -37.07 -6.94
N LEU F 178 25.30 -37.81 -6.64
CA LEU F 178 24.20 -37.86 -7.58
C LEU F 178 22.86 -37.50 -6.95
N GLU F 179 22.86 -37.40 -5.62
CA GLU F 179 21.66 -37.07 -4.87
C GLU F 179 20.89 -35.86 -5.45
N ASP F 180 21.63 -34.87 -5.89
CA ASP F 180 21.04 -33.67 -6.46
C ASP F 180 20.27 -33.92 -7.75
N LEU F 181 20.57 -35.05 -8.41
CA LEU F 181 20.09 -35.29 -9.74
C LEU F 181 18.80 -36.07 -9.82
N TYR F 182 18.31 -36.57 -8.69
CA TYR F 182 17.10 -37.39 -8.67
C TYR F 182 15.81 -36.55 -8.75
N VAL F 183 14.69 -37.21 -9.03
CA VAL F 183 13.44 -36.48 -9.10
C VAL F 183 13.07 -35.95 -7.73
N ILE F 184 12.57 -34.72 -7.72
CA ILE F 184 12.05 -34.10 -6.53
C ILE F 184 10.55 -34.06 -6.71
N GLN F 185 9.85 -34.83 -5.88
CA GLN F 185 8.40 -35.04 -5.94
C GLN F 185 7.64 -33.75 -5.89
N GLY F 186 6.55 -33.69 -6.65
CA GLY F 186 5.75 -32.48 -6.72
C GLY F 186 6.39 -31.29 -7.40
N GLU F 187 7.59 -31.48 -7.97
CA GLU F 187 8.35 -30.36 -8.53
C GLU F 187 8.82 -30.59 -9.97
N ASP F 188 9.17 -29.53 -10.67
CA ASP F 188 9.44 -29.62 -12.12
C ASP F 188 10.77 -28.98 -12.42
N HIS F 189 11.80 -29.79 -12.57
CA HIS F 189 13.14 -29.26 -12.74
C HIS F 189 13.88 -29.78 -13.99
N VAL F 190 14.76 -28.93 -14.52
CA VAL F 190 15.76 -29.38 -15.48
C VAL F 190 17.09 -28.89 -14.96
N THR F 191 18.09 -29.76 -14.93
CA THR F 191 19.44 -29.34 -14.59
C THR F 191 20.33 -29.38 -15.83
N LEU F 192 21.16 -28.36 -15.97
CA LEU F 192 22.18 -28.29 -16.97
C LEU F 192 23.52 -28.55 -16.27
N LEU F 193 24.13 -29.68 -16.62
CA LEU F 193 25.25 -30.19 -15.90
C LEU F 193 26.51 -30.10 -16.75
N THR F 194 27.59 -29.52 -16.19
CA THR F 194 28.86 -29.53 -16.90
C THR F 194 30.05 -29.69 -15.94
N CYS F 195 31.28 -29.62 -16.44
CA CYS F 195 32.45 -29.83 -15.58
C CYS F 195 32.95 -28.48 -15.09
N THR F 196 33.66 -28.50 -13.95
CA THR F 196 34.17 -27.29 -13.29
C THR F 196 35.28 -27.58 -12.28
N PRO F 197 36.18 -26.60 -12.03
CA PRO F 197 36.32 -25.32 -12.74
C PRO F 197 36.71 -25.50 -14.20
N TYR F 198 36.58 -24.43 -14.97
CA TYR F 198 36.93 -24.41 -16.38
C TYR F 198 38.33 -24.98 -16.55
N MET F 199 38.46 -25.92 -17.49
CA MET F 199 39.78 -26.44 -17.90
C MET F 199 40.44 -27.37 -16.87
N ILE F 200 39.83 -27.47 -15.69
CA ILE F 200 40.39 -28.29 -14.62
C ILE F 200 39.48 -29.49 -14.36
N ASN F 201 38.18 -29.28 -14.44
CA ASN F 201 37.20 -30.35 -14.53
C ASN F 201 37.20 -31.38 -13.38
N SER F 202 37.70 -30.99 -12.21
CA SER F 202 37.72 -31.87 -11.02
C SER F 202 36.37 -32.14 -10.39
N HIS F 203 35.42 -31.21 -10.54
CA HIS F 203 34.05 -31.29 -9.95
C HIS F 203 32.97 -31.07 -11.00
N ARG F 204 31.68 -31.21 -10.67
CA ARG F 204 30.63 -30.87 -11.65
C ARG F 204 29.83 -29.63 -11.27
N LEU F 205 29.44 -28.85 -12.28
CA LEU F 205 28.60 -27.66 -12.10
C LEU F 205 27.14 -27.98 -12.41
N LEU F 206 26.23 -27.61 -11.52
CA LEU F 206 24.80 -27.89 -11.76
C LEU F 206 23.92 -26.66 -11.74
N VAL F 207 23.42 -26.30 -12.91
CA VAL F 207 22.53 -25.18 -13.04
C VAL F 207 21.11 -25.73 -13.13
N ARG F 208 20.37 -25.57 -12.04
CA ARG F 208 18.99 -26.05 -11.98
C ARG F 208 17.99 -24.94 -12.25
N GLY F 209 16.98 -25.28 -13.05
CA GLY F 209 15.81 -24.43 -13.21
C GLY F 209 14.55 -25.04 -12.63
N LYS F 210 13.60 -24.20 -12.28
CA LYS F 210 12.28 -24.60 -11.86
C LYS F 210 11.35 -24.19 -12.99
N ARG F 211 10.34 -25.01 -13.24
CA ARG F 211 9.32 -24.71 -14.24
C ARG F 211 8.60 -23.41 -13.94
N ILE F 212 8.44 -22.59 -14.98
CA ILE F 212 7.63 -21.37 -14.90
C ILE F 212 6.71 -21.29 -16.14
N PRO F 213 5.60 -20.52 -16.06
CA PRO F 213 4.73 -20.50 -17.25
C PRO F 213 5.40 -19.77 -18.41
N TYR F 214 4.92 -19.96 -19.64
CA TYR F 214 5.60 -19.42 -20.84
C TYR F 214 4.96 -18.19 -21.56
N VAL F 215 5.72 -17.11 -21.69
CA VAL F 215 5.23 -15.85 -22.33
C VAL F 215 5.60 -15.57 -23.83
N GLU F 216 6.89 -15.27 -24.10
CA GLU F 216 7.51 -14.99 -25.45
C GLU F 216 7.47 -13.56 -26.04
N LYS F 217 6.90 -12.60 -25.30
CA LYS F 217 6.83 -11.19 -25.77
C LYS F 217 8.19 -10.59 -26.12
SD ETM G . -10.42 52.91 16.06
C1 ETM G . -12.05 53.15 16.84
C2 ETM G . -12.02 54.08 18.07
N1 ETM G . -13.33 54.61 18.57
C3 ETM G . -14.03 53.57 19.36
C4 ETM G . -14.25 55.08 17.50
C5 ETM G . -13.06 55.75 19.47
SD ETM H . 2.86 18.44 5.81
C1 ETM H . 2.89 16.71 5.26
C2 ETM H . 1.88 15.92 6.08
N1 ETM H . 2.01 14.46 5.93
C3 ETM H . 2.92 13.93 6.95
C4 ETM H . 2.51 14.11 4.59
C5 ETM H . 0.70 13.82 6.12
S SO4 I . -6.55 25.47 4.24
O1 SO4 I . -7.64 26.44 4.43
O2 SO4 I . -5.45 25.77 5.13
O3 SO4 I . -7.01 24.16 4.61
O4 SO4 I . -6.09 25.47 2.85
S SO4 J . -15.64 29.28 24.07
O1 SO4 J . -16.79 28.64 23.44
O2 SO4 J . -16.05 30.55 24.69
O3 SO4 J . -15.12 28.37 25.09
O4 SO4 J . -14.61 29.66 23.09
CL CL K . -27.92 -33.40 -21.39
SD ETM L . -12.54 -30.33 -11.30
C1 ETM L . -11.96 -32.04 -11.44
C2 ETM L . -12.51 -32.72 -12.69
N1 ETM L . -12.25 -34.19 -12.79
C3 ETM L . -13.09 -34.74 -13.86
C4 ETM L . -12.59 -34.90 -11.54
C5 ETM L . -10.84 -34.44 -13.13
S SO4 M . -43.64 -22.72 -1.03
O1 SO4 M . -44.47 -23.19 -2.13
O2 SO4 M . -43.55 -21.27 -1.05
O3 SO4 M . -44.28 -23.17 0.22
O4 SO4 M . -42.31 -23.32 -1.16
SD ETM N . -31.87 2.97 -7.20
C1 ETM N . -32.02 4.69 -7.72
C2 ETM N . -33.51 5.08 -7.78
N1 ETM N . -33.76 6.49 -8.09
C3 ETM N . -32.94 6.95 -9.23
C4 ETM N . -33.49 7.36 -6.93
C5 ETM N . -35.18 6.63 -8.42
S SO4 O . -30.97 -6.48 -14.58
O1 SO4 O . -30.83 -5.27 -15.37
O2 SO4 O . -32.32 -6.56 -14.04
O3 SO4 O . -30.74 -7.62 -15.47
O4 SO4 O . -29.96 -6.50 -13.54
SD ETM P . 13.61 -8.03 2.69
C1 ETM P . 13.00 -6.35 3.08
C2 ETM P . 13.09 -6.04 4.58
N1 ETM P . 12.90 -4.61 4.99
C3 ETM P . 11.51 -4.16 4.73
C4 ETM P . 13.82 -3.69 4.29
C5 ETM P . 13.15 -4.47 6.44
SD ETM Q . 34.76 -33.66 -17.57
C1 ETM Q . 35.91 -35.06 -17.42
C2 ETM Q . 37.07 -34.90 -18.42
N1 ETM Q . 37.21 -36.04 -19.39
C3 ETM Q . 37.19 -37.36 -18.71
C4 ETM Q . 38.50 -35.90 -20.09
C5 ETM Q . 36.13 -35.99 -20.42
S SO4 R . 34.18 -21.94 -13.90
O1 SO4 R . 34.03 -21.47 -15.26
O2 SO4 R . 33.25 -21.16 -13.09
O3 SO4 R . 33.85 -23.35 -13.85
O4 SO4 R . 35.54 -21.74 -13.36
#